data_1EW8
#
_entry.id   1EW8
#
_cell.length_a   194.77
_cell.length_b   167.19
_cell.length_c   76.59
_cell.angle_alpha   90
_cell.angle_beta   90
_cell.angle_gamma   90
#
_symmetry.space_group_name_H-M   'I 2 2 2'
#
loop_
_entity.id
_entity.type
_entity.pdbx_description
1 polymer 'ALKALINE PHOSPHATASE'
2 non-polymer 'ZINC ION'
3 non-polymer 'PHOSPHATE ION'
4 non-polymer 'SULFATE ION'
5 non-polymer 'MAGNESIUM ION'
6 non-polymer 'PHOSPHONOACETIC ACID'
7 water water
#
_entity_poly.entity_id   1
_entity_poly.type   'polypeptide(L)'
_entity_poly.pdbx_seq_one_letter_code
;TPEMPVLENRAAQGDITAPGGARRLTGDQTAALRDSLSDKPAKNIILLIGDGMGDSEITAARNYAEGAGGFFKGIDALPL
TGQYTHYALNKKTGKPDYVTDSAASATAWSTGVKTYNGALGVDIHEKDHPTILEMAKAAGLATGNVSTAELQDATPAALV
AHVTSRKCYGPSATSEKCPGNALEKGGKGSITEQLLNARADVTLGGGAKTFAETATAGEWQGKTLREQAQARGYQLVSDA
ASLNSVTEANQQKPLLGLFADGNMPVRWLGPKATYHGNIDKPAVTCTPNPQRNDSVPTLAQMTDKAIELLSKNEKGFFLQ
VEGASIDKQDHAANPCGQIGETVDLDEAVQRALEFAKKEGNTLVIVTADHAHASQIVAPDTKAPGLTQALNTKDGAVMVM
SYGNSEEDSQEHTGSQLRIAAYGPHAANVVGLTDQTDLFYTMKAALGLK
;
_entity_poly.pdbx_strand_id   A,B
#
loop_
_chem_comp.id
_chem_comp.type
_chem_comp.name
_chem_comp.formula
MG non-polymer 'MAGNESIUM ION' 'Mg 2'
PAE non-polymer 'PHOSPHONOACETIC ACID' 'C2 H5 O5 P'
PO4 non-polymer 'PHOSPHATE ION' 'O4 P -3'
SO4 non-polymer 'SULFATE ION' 'O4 S -2'
ZN non-polymer 'ZINC ION' 'Zn 2'
#
# COMPACT_ATOMS: atom_id res chain seq x y z
N THR A 1 2.56 18.31 26.51
CA THR A 1 3.09 17.06 27.05
C THR A 1 2.63 15.87 26.23
N PRO A 2 3.23 15.67 25.04
CA PRO A 2 2.80 14.52 24.22
C PRO A 2 3.30 13.22 24.84
N GLU A 3 2.43 12.57 25.62
CA GLU A 3 2.84 11.28 26.24
C GLU A 3 3.33 10.33 25.10
N MET A 4 2.44 10.22 24.12
CA MET A 4 2.68 9.41 22.95
C MET A 4 3.28 10.25 21.84
N PRO A 5 4.44 9.81 21.33
CA PRO A 5 5.13 10.59 20.31
C PRO A 5 4.52 10.44 18.93
N VAL A 6 4.48 11.53 18.19
CA VAL A 6 4.09 11.39 16.75
C VAL A 6 5.47 11.48 16.02
N LEU A 7 5.53 11.13 14.78
CA LEU A 7 6.78 11.13 13.99
C LEU A 7 7.12 12.53 13.53
N GLU A 8 8.12 13.17 14.15
CA GLU A 8 8.42 14.53 13.78
C GLU A 8 9.11 14.69 12.46
N ASN A 9 9.97 13.71 12.08
CA ASN A 9 10.62 13.86 10.81
C ASN A 9 11.16 12.58 10.23
N ARG A 10 10.53 12.14 9.14
CA ARG A 10 10.98 10.95 8.44
C ARG A 10 11.31 11.29 6.98
N ALA A 11 11.84 12.49 6.76
CA ALA A 11 12.33 12.86 5.41
C ALA A 11 13.76 12.25 5.29
N ALA A 12 14.29 12.16 4.10
CA ALA A 12 15.68 11.63 3.98
C ALA A 12 16.59 12.46 4.87
N GLN A 13 17.45 11.79 5.62
CA GLN A 13 18.29 12.43 6.58
C GLN A 13 19.40 13.26 6.05
N GLY A 14 19.78 13.08 4.77
CA GLY A 14 20.87 13.86 4.24
C GLY A 14 20.97 13.86 2.74
N ASP A 15 22.15 13.54 2.24
CA ASP A 15 22.37 13.52 0.79
C ASP A 15 21.94 12.18 0.20
N ILE A 16 20.85 12.20 -0.56
CA ILE A 16 20.30 11.02 -1.16
C ILE A 16 21.21 10.20 -2.01
N THR A 17 22.29 10.80 -2.52
CA THR A 17 23.21 10.04 -3.38
C THR A 17 24.33 9.40 -2.59
N ALA A 18 24.42 9.74 -1.29
CA ALA A 18 25.52 9.21 -0.49
C ALA A 18 25.04 8.10 0.43
N PRO A 19 25.95 7.28 0.90
CA PRO A 19 25.65 6.19 1.81
C PRO A 19 24.88 6.67 3.03
N GLY A 20 23.64 6.20 3.16
CA GLY A 20 22.78 6.48 4.27
C GLY A 20 22.10 7.80 4.26
N GLY A 21 22.36 8.61 3.22
CA GLY A 21 21.70 9.92 3.18
C GLY A 21 20.23 9.84 2.88
N ALA A 22 19.79 8.71 2.30
CA ALA A 22 18.40 8.57 1.89
C ALA A 22 17.58 7.91 3.02
N ARG A 23 18.25 7.67 4.13
CA ARG A 23 17.62 7.05 5.30
C ARG A 23 16.55 7.99 5.89
N ARG A 24 15.48 7.42 6.43
CA ARG A 24 14.42 8.19 7.07
C ARG A 24 14.42 8.02 8.58
N LEU A 25 15.15 7.02 9.04
CA LEU A 25 15.33 6.72 10.44
C LEU A 25 16.75 7.16 10.88
N THR A 26 16.86 7.53 12.13
CA THR A 26 18.10 7.95 12.76
C THR A 26 18.53 6.95 13.83
N GLY A 27 17.69 5.92 14.04
CA GLY A 27 17.95 4.91 15.02
C GLY A 27 16.83 3.90 15.20
N ASP A 28 17.00 3.00 16.17
CA ASP A 28 16.04 1.94 16.45
C ASP A 28 14.71 2.50 16.91
N GLN A 29 13.62 1.95 16.37
CA GLN A 29 12.30 2.49 16.65
C GLN A 29 11.57 1.81 17.78
N THR A 30 12.13 0.75 18.36
CA THR A 30 11.53 -0.02 19.37
C THR A 30 10.91 0.70 20.53
N ALA A 31 11.68 1.58 21.18
CA ALA A 31 11.16 2.28 22.34
C ALA A 31 10.03 3.23 21.98
N ALA A 32 10.18 3.92 20.85
CA ALA A 32 9.17 4.89 20.45
C ALA A 32 7.82 4.21 20.17
N LEU A 33 7.86 3.08 19.50
CA LEU A 33 6.64 2.33 19.20
C LEU A 33 6.00 1.86 20.51
N ARG A 34 6.85 1.33 21.38
CA ARG A 34 6.39 0.92 22.71
C ARG A 34 5.65 2.11 23.36
N ASP A 35 6.14 3.31 23.11
CA ASP A 35 5.56 4.52 23.65
C ASP A 35 4.29 4.94 22.94
N SER A 36 3.98 4.30 21.82
CA SER A 36 2.79 4.62 21.06
C SER A 36 1.62 3.71 21.38
N LEU A 37 1.85 2.71 22.21
CA LEU A 37 0.89 1.74 22.64
C LEU A 37 0.24 2.10 23.99
N SER A 38 -1.05 2.30 23.96
CA SER A 38 -1.97 2.58 24.98
C SER A 38 -3.39 2.06 24.68
N ASP A 39 -3.98 1.48 25.71
CA ASP A 39 -5.31 0.92 25.68
C ASP A 39 -6.26 1.70 26.59
N LYS A 40 -5.78 2.90 26.99
CA LYS A 40 -6.67 3.76 27.81
C LYS A 40 -7.88 4.10 26.94
N PRO A 41 -8.98 4.52 27.55
CA PRO A 41 -10.10 4.89 26.64
C PRO A 41 -9.77 6.22 25.94
N ALA A 42 -10.49 6.45 24.87
CA ALA A 42 -10.47 7.59 24.03
C ALA A 42 -11.60 8.56 24.31
N LYS A 43 -11.23 9.81 24.64
CA LYS A 43 -12.35 10.78 24.83
C LYS A 43 -12.92 11.15 23.46
N ASN A 44 -12.01 11.35 22.50
CA ASN A 44 -12.40 11.79 21.19
C ASN A 44 -11.83 10.94 20.07
N ILE A 45 -12.54 11.01 18.95
CA ILE A 45 -12.21 10.42 17.71
C ILE A 45 -12.21 11.37 16.54
N ILE A 46 -11.06 11.46 15.85
CA ILE A 46 -11.01 12.26 14.64
C ILE A 46 -10.65 11.35 13.48
N LEU A 47 -11.61 11.12 12.59
CA LEU A 47 -11.31 10.21 11.45
C LEU A 47 -11.19 11.05 10.18
N LEU A 48 -10.04 10.97 9.54
CA LEU A 48 -9.72 11.65 8.33
C LEU A 48 -9.64 10.72 7.12
N ILE A 49 -10.51 10.98 6.16
CA ILE A 49 -10.63 10.24 4.95
C ILE A 49 -10.19 11.03 3.71
N GLY A 50 -9.23 10.43 3.02
CA GLY A 50 -8.86 10.98 1.69
C GLY A 50 -9.58 10.04 0.69
N ASP A 51 -10.68 10.52 0.12
CA ASP A 51 -11.45 9.66 -0.81
C ASP A 51 -10.56 9.27 -1.99
N GLY A 52 -10.42 7.98 -2.23
CA GLY A 52 -9.62 7.41 -3.26
C GLY A 52 -8.13 7.57 -3.08
N MET A 53 -7.70 7.92 -1.86
CA MET A 53 -6.32 8.16 -1.58
C MET A 53 -5.52 6.91 -1.23
N GLY A 54 -5.19 6.12 -2.25
CA GLY A 54 -4.41 4.91 -2.03
C GLY A 54 -2.93 5.21 -1.82
N ASP A 55 -2.12 4.15 -1.69
CA ASP A 55 -0.68 4.40 -1.51
C ASP A 55 -0.09 5.12 -2.69
N SER A 56 -0.63 4.85 -3.88
CA SER A 56 -0.14 5.53 -5.06
C SER A 56 -0.39 7.03 -5.04
N GLU A 57 -1.62 7.41 -4.70
CA GLU A 57 -1.97 8.83 -4.63
C GLU A 57 -1.08 9.53 -3.62
N ILE A 58 -0.76 8.87 -2.52
CA ILE A 58 0.11 9.44 -1.51
C ILE A 58 1.54 9.65 -2.01
N THR A 59 2.13 8.61 -2.60
CA THR A 59 3.48 8.69 -3.14
C THR A 59 3.57 9.85 -4.14
N ALA A 60 2.71 9.82 -5.16
CA ALA A 60 2.61 10.85 -6.16
C ALA A 60 2.60 12.26 -5.61
N ALA A 61 1.75 12.53 -4.62
CA ALA A 61 1.65 13.83 -4.01
C ALA A 61 2.91 14.22 -3.24
N ARG A 62 3.54 13.26 -2.58
CA ARG A 62 4.76 13.54 -1.82
C ARG A 62 5.90 13.91 -2.78
N ASN A 63 6.10 13.07 -3.78
CA ASN A 63 7.12 13.31 -4.80
C ASN A 63 6.94 14.72 -5.39
N TYR A 64 5.68 15.01 -5.82
CA TYR A 64 5.47 16.31 -6.42
C TYR A 64 5.82 17.43 -5.45
N ALA A 65 5.11 17.46 -4.34
CA ALA A 65 5.15 18.48 -3.36
C ALA A 65 6.30 18.53 -2.42
N GLU A 66 6.77 17.36 -1.93
CA GLU A 66 7.81 17.42 -0.91
C GLU A 66 9.11 16.84 -1.43
N GLY A 67 9.03 16.21 -2.60
CA GLY A 67 10.20 15.53 -3.15
C GLY A 67 10.20 14.07 -2.68
N ALA A 68 10.88 13.22 -3.41
CA ALA A 68 10.93 11.80 -3.14
C ALA A 68 11.34 11.53 -1.68
N GLY A 69 12.29 12.29 -1.21
CA GLY A 69 12.88 12.21 0.11
C GLY A 69 12.15 13.08 1.10
N GLY A 70 11.06 13.67 0.62
CA GLY A 70 10.21 14.48 1.43
C GLY A 70 9.40 13.65 2.43
N PHE A 71 8.60 14.36 3.21
CA PHE A 71 7.82 13.76 4.29
C PHE A 71 6.58 14.68 4.52
N PHE A 72 5.41 14.06 4.50
CA PHE A 72 4.16 14.82 4.77
C PHE A 72 4.05 14.97 6.28
N LYS A 73 4.17 16.20 6.76
CA LYS A 73 4.18 16.38 8.22
C LYS A 73 2.92 15.89 8.88
N GLY A 74 1.85 15.74 8.11
CA GLY A 74 0.59 15.22 8.60
C GLY A 74 0.43 13.74 8.28
N ILE A 75 0.21 13.44 7.02
CA ILE A 75 -0.02 12.13 6.50
C ILE A 75 0.97 11.07 6.86
N ASP A 76 2.27 11.40 6.76
CA ASP A 76 3.31 10.44 7.01
C ASP A 76 3.73 10.37 8.46
N ALA A 77 3.15 11.22 9.30
CA ALA A 77 3.56 11.31 10.68
C ALA A 77 2.88 10.38 11.63
N LEU A 78 1.91 9.58 11.19
CA LEU A 78 1.24 8.66 12.13
C LEU A 78 2.09 7.41 12.29
N PRO A 79 2.45 7.07 13.52
CA PRO A 79 3.36 6.00 13.82
C PRO A 79 2.87 4.60 13.70
N LEU A 80 1.56 4.38 13.74
CA LEU A 80 1.05 3.01 13.64
C LEU A 80 0.34 2.82 12.33
N THR A 81 0.89 1.92 11.51
CA THR A 81 0.31 1.75 10.17
C THR A 81 0.00 0.25 9.95
N GLY A 82 -0.76 -0.01 8.92
CA GLY A 82 -1.18 -1.28 8.40
C GLY A 82 -1.88 -1.15 7.05
N GLN A 83 -2.42 -2.23 6.55
CA GLN A 83 -3.15 -2.20 5.27
C GLN A 83 -4.54 -2.78 5.50
N TYR A 84 -5.54 -2.22 4.82
CA TYR A 84 -6.89 -2.71 5.05
C TYR A 84 -7.61 -3.05 3.78
N THR A 85 -8.58 -3.97 3.85
CA THR A 85 -9.32 -4.35 2.64
C THR A 85 -10.69 -3.75 2.61
N HIS A 86 -11.18 -3.41 1.40
CA HIS A 86 -12.50 -2.75 1.39
C HIS A 86 -13.40 -3.27 0.31
N TYR A 87 -13.39 -4.59 0.08
CA TYR A 87 -14.31 -5.13 -0.94
C TYR A 87 -15.76 -4.88 -0.47
N ALA A 88 -16.66 -4.75 -1.43
CA ALA A 88 -18.08 -4.62 -1.13
C ALA A 88 -18.78 -5.95 -1.36
N LEU A 89 -20.10 -5.96 -1.42
CA LEU A 89 -20.82 -7.22 -1.65
C LEU A 89 -21.71 -7.05 -2.88
N ASN A 90 -22.01 -8.16 -3.52
CA ASN A 90 -22.97 -8.17 -4.64
C ASN A 90 -24.37 -8.35 -4.01
N LYS A 91 -25.26 -7.40 -4.27
CA LYS A 91 -26.56 -7.40 -3.64
C LYS A 91 -27.26 -8.74 -3.66
N LYS A 92 -27.36 -9.30 -4.85
CA LYS A 92 -28.01 -10.55 -5.12
C LYS A 92 -27.33 -11.76 -4.55
N THR A 93 -26.10 -12.03 -4.96
CA THR A 93 -25.39 -13.21 -4.52
C THR A 93 -24.91 -13.11 -3.10
N GLY A 94 -24.65 -11.89 -2.63
CA GLY A 94 -24.09 -11.77 -1.27
C GLY A 94 -22.61 -12.10 -1.29
N LYS A 95 -22.09 -12.39 -2.50
CA LYS A 95 -20.66 -12.69 -2.62
C LYS A 95 -19.86 -11.39 -2.74
N PRO A 96 -18.55 -11.49 -2.49
CA PRO A 96 -17.72 -10.29 -2.58
C PRO A 96 -17.72 -9.64 -3.95
N ASP A 97 -17.66 -8.32 -3.91
CA ASP A 97 -17.51 -7.52 -5.14
C ASP A 97 -16.21 -6.72 -4.95
N TYR A 98 -15.15 -7.21 -5.58
CA TYR A 98 -13.83 -6.76 -5.45
C TYR A 98 -13.51 -5.32 -5.45
N VAL A 99 -14.32 -4.51 -6.15
CA VAL A 99 -14.06 -3.07 -6.20
C VAL A 99 -15.25 -2.28 -5.72
N THR A 100 -15.11 -1.68 -4.55
CA THR A 100 -16.16 -0.91 -3.93
C THR A 100 -16.30 0.51 -4.47
N ASP A 101 -17.47 1.10 -4.18
CA ASP A 101 -17.72 2.51 -4.41
C ASP A 101 -17.59 3.24 -3.08
N SER A 102 -17.82 4.56 -3.07
CA SER A 102 -17.64 5.22 -1.74
C SER A 102 -18.80 4.91 -0.83
N ALA A 103 -19.97 4.64 -1.39
CA ALA A 103 -21.18 4.42 -0.61
C ALA A 103 -21.07 3.23 0.32
N ALA A 104 -20.79 2.05 -0.23
CA ALA A 104 -20.62 0.83 0.51
C ALA A 104 -19.42 0.81 1.41
N SER A 105 -18.40 1.61 1.10
CA SER A 105 -17.20 1.63 1.96
C SER A 105 -17.40 2.44 3.20
N ALA A 106 -17.95 3.67 3.04
CA ALA A 106 -18.20 4.45 4.24
C ALA A 106 -19.24 3.76 5.11
N THR A 107 -20.12 3.00 4.46
CA THR A 107 -21.16 2.28 5.24
C THR A 107 -20.46 1.26 6.16
N ALA A 108 -19.45 0.62 5.62
CA ALA A 108 -18.63 -0.36 6.28
C ALA A 108 -17.99 0.17 7.54
N TRP A 109 -17.26 1.28 7.44
CA TRP A 109 -16.65 1.91 8.59
C TRP A 109 -17.63 2.55 9.53
N SER A 110 -18.80 2.96 9.00
CA SER A 110 -19.74 3.63 9.87
C SER A 110 -20.75 2.75 10.55
N THR A 111 -20.95 1.51 10.07
CA THR A 111 -21.93 0.64 10.67
C THR A 111 -21.43 -0.76 11.00
N GLY A 112 -20.28 -1.16 10.53
CA GLY A 112 -19.68 -2.47 10.83
C GLY A 112 -20.18 -3.57 9.95
N VAL A 113 -20.93 -3.19 8.91
CA VAL A 113 -21.51 -4.15 8.00
C VAL A 113 -21.18 -3.90 6.56
N LYS A 114 -20.90 -4.98 5.83
CA LYS A 114 -20.63 -4.81 4.39
C LYS A 114 -22.01 -4.67 3.69
N THR A 115 -22.02 -4.01 2.57
CA THR A 115 -23.20 -3.78 1.77
C THR A 115 -22.81 -3.66 0.29
N TYR A 116 -23.81 -3.44 -0.53
CA TYR A 116 -23.65 -3.36 -1.97
C TYR A 116 -23.23 -1.97 -2.42
N ASN A 117 -22.53 -1.90 -3.55
CA ASN A 117 -22.13 -0.54 -4.03
C ASN A 117 -23.43 0.27 -4.24
N GLY A 118 -23.42 1.52 -3.81
CA GLY A 118 -24.57 2.40 -3.91
C GLY A 118 -25.36 2.57 -2.64
N ALA A 119 -25.31 1.61 -1.72
CA ALA A 119 -26.08 1.66 -0.49
C ALA A 119 -25.46 2.61 0.55
N LEU A 120 -26.30 3.26 1.33
CA LEU A 120 -25.96 4.11 2.43
C LEU A 120 -26.71 3.70 3.72
N GLY A 121 -25.95 3.37 4.75
CA GLY A 121 -26.47 3.02 6.06
C GLY A 121 -27.43 1.87 6.04
N VAL A 122 -27.34 1.04 5.01
CA VAL A 122 -28.20 -0.14 4.93
C VAL A 122 -27.41 -1.35 4.42
N ASP A 123 -27.91 -2.53 4.73
CA ASP A 123 -27.32 -3.78 4.34
C ASP A 123 -27.87 -4.32 3.05
N ILE A 124 -27.42 -5.51 2.64
CA ILE A 124 -27.86 -6.12 1.42
C ILE A 124 -29.36 -6.36 1.36
N HIS A 125 -29.99 -6.47 2.51
CA HIS A 125 -31.41 -6.65 2.69
C HIS A 125 -32.12 -5.31 2.86
N GLU A 126 -31.32 -4.24 2.72
CA GLU A 126 -31.82 -2.89 2.90
C GLU A 126 -32.23 -2.59 4.29
N LYS A 127 -31.74 -3.42 5.24
CA LYS A 127 -32.09 -3.04 6.62
C LYS A 127 -31.14 -1.90 7.04
N ASP A 128 -31.65 -1.03 7.88
CA ASP A 128 -30.88 0.11 8.39
C ASP A 128 -30.02 -0.36 9.58
N HIS A 129 -28.85 0.23 9.71
CA HIS A 129 -27.98 -0.03 10.85
C HIS A 129 -27.49 1.32 11.40
N PRO A 130 -27.50 1.46 12.70
CA PRO A 130 -27.04 2.69 13.32
C PRO A 130 -25.55 2.94 12.98
N THR A 131 -25.26 4.21 12.77
CA THR A 131 -23.95 4.70 12.44
C THR A 131 -23.16 5.14 13.65
N ILE A 132 -21.85 5.03 13.56
CA ILE A 132 -20.97 5.42 14.63
C ILE A 132 -21.29 6.83 15.14
N LEU A 133 -21.74 7.69 14.23
CA LEU A 133 -22.12 9.06 14.58
C LEU A 133 -23.40 9.07 15.40
N GLU A 134 -24.42 8.38 14.89
CA GLU A 134 -25.72 8.32 15.58
C GLU A 134 -25.56 7.73 16.96
N MET A 135 -24.71 6.72 17.09
CA MET A 135 -24.40 6.08 18.35
C MET A 135 -23.65 6.99 19.30
N ALA A 136 -22.78 7.86 18.76
CA ALA A 136 -21.99 8.76 19.62
C ALA A 136 -22.93 9.82 20.23
N LYS A 137 -23.71 10.38 19.36
CA LYS A 137 -24.71 11.39 19.70
C LYS A 137 -25.59 10.83 20.84
N ALA A 138 -25.99 9.58 20.66
CA ALA A 138 -26.87 8.90 21.60
C ALA A 138 -26.22 8.79 22.97
N ALA A 139 -24.91 8.61 22.95
CA ALA A 139 -24.16 8.49 24.21
C ALA A 139 -23.89 9.87 24.78
N GLY A 140 -24.30 10.91 24.07
CA GLY A 140 -24.08 12.25 24.60
C GLY A 140 -22.82 12.92 24.07
N LEU A 141 -22.11 12.23 23.18
CA LEU A 141 -20.90 12.80 22.61
C LEU A 141 -21.21 13.88 21.59
N ALA A 142 -20.30 14.86 21.46
CA ALA A 142 -20.55 15.90 20.43
C ALA A 142 -20.17 15.30 19.08
N THR A 143 -20.84 15.70 18.00
CA THR A 143 -20.57 15.09 16.70
C THR A 143 -20.30 16.10 15.61
N GLY A 144 -19.38 15.74 14.71
CA GLY A 144 -18.99 16.52 13.59
C GLY A 144 -18.83 15.76 12.30
N ASN A 145 -19.11 16.45 11.20
CA ASN A 145 -19.07 15.91 9.85
C ASN A 145 -18.65 17.06 8.89
N VAL A 146 -17.43 16.98 8.44
CA VAL A 146 -16.80 17.99 7.59
C VAL A 146 -16.30 17.32 6.31
N SER A 147 -16.53 17.96 5.17
CA SER A 147 -16.10 17.42 3.88
C SER A 147 -15.99 18.51 2.82
N THR A 148 -15.08 18.30 1.87
CA THR A 148 -14.98 19.26 0.78
C THR A 148 -15.94 18.97 -0.35
N ALA A 149 -16.66 17.86 -0.30
CA ALA A 149 -17.64 17.58 -1.37
C ALA A 149 -19.03 18.06 -0.94
N GLU A 150 -20.01 17.82 -1.82
CA GLU A 150 -21.41 18.11 -1.42
C GLU A 150 -21.69 17.19 -0.21
N LEU A 151 -22.48 17.68 0.72
CA LEU A 151 -22.81 16.99 1.94
C LEU A 151 -23.72 15.80 1.69
N GLN A 152 -24.29 15.78 0.49
CA GLN A 152 -25.11 14.68 0.06
C GLN A 152 -24.30 13.57 -0.58
N ASP A 153 -22.99 13.79 -0.72
CA ASP A 153 -22.15 12.73 -1.37
C ASP A 153 -22.02 11.58 -0.38
N ALA A 154 -21.68 10.38 -0.83
CA ALA A 154 -21.57 9.19 -0.06
C ALA A 154 -20.78 9.24 1.20
N THR A 155 -19.57 9.82 1.19
CA THR A 155 -18.75 9.84 2.40
C THR A 155 -19.38 10.46 3.59
N PRO A 156 -19.77 11.75 3.53
CA PRO A 156 -20.40 12.36 4.69
C PRO A 156 -21.82 11.83 4.93
N ALA A 157 -22.56 11.59 3.87
CA ALA A 157 -23.92 11.12 3.87
C ALA A 157 -24.14 9.87 4.69
N ALA A 158 -23.24 8.91 4.56
CA ALA A 158 -23.22 7.65 5.21
C ALA A 158 -23.34 7.74 6.73
N LEU A 159 -22.96 8.86 7.30
CA LEU A 159 -22.98 8.99 8.75
C LEU A 159 -24.34 9.35 9.31
N VAL A 160 -25.22 9.91 8.50
CA VAL A 160 -26.52 10.39 9.01
C VAL A 160 -27.70 9.99 8.14
N ALA A 161 -27.48 9.21 7.10
CA ALA A 161 -28.51 8.82 6.16
C ALA A 161 -28.55 7.35 5.84
N HIS A 162 -29.77 6.84 5.68
CA HIS A 162 -29.98 5.42 5.36
C HIS A 162 -30.92 5.33 4.14
N VAL A 163 -30.36 5.00 3.00
CA VAL A 163 -31.14 4.94 1.77
C VAL A 163 -30.54 3.88 0.83
N THR A 164 -31.39 3.29 0.02
CA THR A 164 -31.10 2.25 -0.92
C THR A 164 -30.21 2.67 -2.07
N SER A 165 -30.15 3.96 -2.38
CA SER A 165 -29.37 4.56 -3.39
C SER A 165 -28.73 5.90 -2.98
N ARG A 166 -27.46 6.05 -3.32
CA ARG A 166 -26.65 7.19 -3.05
C ARG A 166 -27.11 8.42 -3.83
N LYS A 167 -27.81 8.17 -4.91
CA LYS A 167 -28.36 9.13 -5.81
C LYS A 167 -29.51 9.93 -5.22
N CYS A 168 -29.98 9.52 -4.05
CA CYS A 168 -31.17 10.14 -3.46
C CYS A 168 -30.92 11.34 -2.63
N TYR A 169 -30.34 12.37 -3.25
CA TYR A 169 -29.92 13.58 -2.62
C TYR A 169 -31.00 14.34 -1.90
N GLY A 170 -32.07 14.63 -2.63
CA GLY A 170 -33.19 15.36 -2.09
C GLY A 170 -34.52 14.75 -2.52
N PRO A 171 -35.58 15.35 -2.04
CA PRO A 171 -36.95 14.98 -2.29
C PRO A 171 -37.23 14.49 -3.70
N SER A 172 -36.89 15.29 -4.71
CA SER A 172 -37.13 14.95 -6.09
C SER A 172 -36.46 13.66 -6.51
N ALA A 173 -35.14 13.56 -6.35
CA ALA A 173 -34.44 12.33 -6.70
C ALA A 173 -34.94 11.14 -5.88
N THR A 174 -35.21 11.37 -4.59
CA THR A 174 -35.65 10.26 -3.74
C THR A 174 -36.93 9.64 -4.23
N SER A 175 -37.90 10.50 -4.57
CA SER A 175 -39.17 10.00 -5.07
C SER A 175 -38.98 9.08 -6.26
N GLU A 176 -37.96 9.36 -7.08
CA GLU A 176 -37.75 8.54 -8.25
C GLU A 176 -36.88 7.35 -8.04
N LYS A 177 -35.79 7.49 -7.27
CA LYS A 177 -34.86 6.39 -7.10
C LYS A 177 -34.98 5.68 -5.79
N CYS A 178 -35.47 6.38 -4.76
CA CYS A 178 -35.65 5.70 -3.48
C CYS A 178 -37.10 5.88 -3.02
N PRO A 179 -37.98 5.24 -3.75
CA PRO A 179 -39.43 5.37 -3.49
C PRO A 179 -39.77 4.85 -2.12
N GLY A 180 -39.04 3.82 -1.67
CA GLY A 180 -39.22 3.36 -0.31
C GLY A 180 -38.77 4.33 0.75
N ASN A 181 -37.93 5.32 0.42
CA ASN A 181 -37.43 6.21 1.49
C ASN A 181 -38.12 7.57 1.47
N ALA A 182 -38.81 7.85 0.39
CA ALA A 182 -39.53 9.05 0.08
C ALA A 182 -40.51 9.48 1.14
N LEU A 183 -40.37 10.72 1.61
CA LEU A 183 -41.20 11.26 2.66
C LEU A 183 -42.70 11.09 2.44
N GLU A 184 -43.13 11.31 1.21
CA GLU A 184 -44.48 11.25 0.77
C GLU A 184 -45.05 9.85 0.66
N LYS A 185 -44.17 8.84 0.70
CA LYS A 185 -44.65 7.45 0.65
C LYS A 185 -44.39 6.79 2.00
N GLY A 186 -44.32 7.62 3.02
CA GLY A 186 -44.08 7.24 4.38
C GLY A 186 -42.68 6.83 4.70
N GLY A 187 -41.68 7.30 3.92
CA GLY A 187 -40.31 6.93 4.21
C GLY A 187 -39.67 7.85 5.25
N LYS A 188 -38.41 7.60 5.53
CA LYS A 188 -37.58 8.35 6.45
C LYS A 188 -37.08 9.63 5.79
N GLY A 189 -36.97 9.57 4.46
CA GLY A 189 -36.62 10.74 3.70
C GLY A 189 -35.47 10.57 2.72
N SER A 190 -35.10 11.70 2.15
CA SER A 190 -33.98 11.83 1.22
C SER A 190 -32.71 12.00 2.03
N ILE A 191 -31.53 11.97 1.40
CA ILE A 191 -30.30 12.12 2.20
C ILE A 191 -30.32 13.43 2.96
N THR A 192 -30.64 14.51 2.27
CA THR A 192 -30.59 15.83 2.95
C THR A 192 -31.56 15.90 4.10
N GLU A 193 -32.75 15.35 3.90
CA GLU A 193 -33.77 15.33 4.92
C GLU A 193 -33.36 14.56 6.15
N GLN A 194 -32.66 13.44 6.02
CA GLN A 194 -32.27 12.64 7.20
C GLN A 194 -31.06 13.31 7.86
N LEU A 195 -30.30 13.99 7.00
CA LEU A 195 -29.13 14.74 7.50
C LEU A 195 -29.62 15.76 8.53
N LEU A 196 -30.72 16.41 8.18
CA LEU A 196 -31.38 17.41 8.99
C LEU A 196 -31.98 16.80 10.25
N ASN A 197 -32.49 15.56 10.15
CA ASN A 197 -33.00 14.94 11.40
C ASN A 197 -31.82 14.48 12.26
N ALA A 198 -30.76 14.03 11.60
CA ALA A 198 -29.62 13.50 12.35
C ALA A 198 -29.08 14.48 13.36
N ARG A 199 -29.18 15.76 13.05
CA ARG A 199 -28.80 16.85 13.91
C ARG A 199 -27.43 16.77 14.50
N ALA A 200 -26.41 16.61 13.63
CA ALA A 200 -25.02 16.58 14.18
C ALA A 200 -24.74 17.98 14.72
N ASP A 201 -23.88 18.10 15.73
CA ASP A 201 -23.60 19.46 16.21
C ASP A 201 -22.91 20.30 15.17
N VAL A 202 -21.98 19.70 14.41
CA VAL A 202 -21.25 20.41 13.39
C VAL A 202 -21.21 19.67 12.05
N THR A 203 -21.72 20.34 11.04
CA THR A 203 -21.80 19.90 9.68
C THR A 203 -21.32 20.98 8.72
N LEU A 204 -20.19 20.72 8.07
CA LEU A 204 -19.58 21.72 7.19
C LEU A 204 -19.16 21.10 5.86
N GLY A 205 -19.49 21.75 4.76
CA GLY A 205 -19.16 21.33 3.43
C GLY A 205 -19.90 22.03 2.32
N GLY A 206 -20.16 21.33 1.20
CA GLY A 206 -20.90 21.91 0.09
C GLY A 206 -22.28 21.29 -0.09
N GLY A 207 -22.91 21.44 -1.25
CA GLY A 207 -24.20 20.89 -1.54
C GLY A 207 -25.37 21.80 -1.23
N ALA A 208 -25.17 23.12 -1.26
CA ALA A 208 -26.20 24.09 -0.98
C ALA A 208 -27.38 23.98 -1.94
N LYS A 209 -27.08 23.58 -3.17
CA LYS A 209 -28.07 23.42 -4.21
C LYS A 209 -29.30 22.66 -3.73
N THR A 210 -29.09 21.41 -3.32
CA THR A 210 -30.17 20.55 -2.90
C THR A 210 -31.02 21.12 -1.81
N PHE A 211 -30.46 22.05 -1.02
CA PHE A 211 -31.23 22.67 0.06
C PHE A 211 -32.29 23.61 -0.49
N ALA A 212 -32.27 23.79 -1.82
CA ALA A 212 -33.29 24.66 -2.42
C ALA A 212 -34.54 23.89 -2.79
N GLU A 213 -34.48 22.57 -2.62
CA GLU A 213 -35.68 21.77 -2.90
C GLU A 213 -36.67 21.95 -1.73
N THR A 214 -37.92 21.65 -2.01
CA THR A 214 -38.99 21.81 -1.03
C THR A 214 -39.52 20.45 -0.57
N ALA A 215 -39.78 20.35 0.74
CA ALA A 215 -40.30 19.07 1.23
C ALA A 215 -41.64 18.77 0.53
N THR A 216 -41.87 17.52 0.25
CA THR A 216 -43.07 17.01 -0.36
C THR A 216 -44.08 16.59 0.72
N ALA A 217 -43.62 16.58 1.97
CA ALA A 217 -44.57 16.18 3.03
C ALA A 217 -43.99 16.59 4.39
N GLY A 218 -44.67 16.19 5.44
CA GLY A 218 -44.33 16.42 6.79
C GLY A 218 -44.60 17.84 7.30
N GLU A 219 -44.06 18.11 8.47
CA GLU A 219 -44.19 19.36 9.17
C GLU A 219 -43.73 20.53 8.35
N TRP A 220 -42.74 20.32 7.49
CA TRP A 220 -42.20 21.35 6.64
C TRP A 220 -42.52 21.22 5.19
N GLN A 221 -43.61 20.50 4.89
CA GLN A 221 -44.03 20.32 3.51
C GLN A 221 -44.12 21.68 2.81
N GLY A 222 -43.58 21.75 1.59
CA GLY A 222 -43.65 22.95 0.79
C GLY A 222 -42.66 23.99 1.13
N LYS A 223 -41.82 23.77 2.16
CA LYS A 223 -40.79 24.80 2.37
C LYS A 223 -39.46 24.27 1.90
N THR A 224 -38.53 25.14 1.51
CA THR A 224 -37.25 24.52 1.06
C THR A 224 -36.56 23.92 2.29
N LEU A 225 -35.58 23.06 2.07
CA LEU A 225 -34.88 22.44 3.22
C LEU A 225 -34.05 23.48 3.94
N ARG A 226 -33.62 24.51 3.20
CA ARG A 226 -32.86 25.58 3.88
C ARG A 226 -33.71 26.20 4.98
N GLU A 227 -34.95 26.53 4.62
CA GLU A 227 -35.89 27.12 5.56
C GLU A 227 -36.19 26.14 6.69
N GLN A 228 -36.35 24.86 6.31
CA GLN A 228 -36.66 23.88 7.35
C GLN A 228 -35.54 23.88 8.38
N ALA A 229 -34.31 23.93 7.89
CA ALA A 229 -33.17 23.90 8.81
C ALA A 229 -33.14 25.13 9.69
N GLN A 230 -33.53 26.26 9.11
CA GLN A 230 -33.55 27.53 9.87
C GLN A 230 -34.66 27.42 10.95
N ALA A 231 -35.76 26.84 10.49
CA ALA A 231 -36.94 26.59 11.29
C ALA A 231 -36.63 25.64 12.44
N ARG A 232 -35.71 24.71 12.19
CA ARG A 232 -35.33 23.72 13.19
C ARG A 232 -34.24 24.16 14.10
N GLY A 233 -33.77 25.42 13.90
CA GLY A 233 -32.79 25.98 14.80
C GLY A 233 -31.36 25.80 14.39
N TYR A 234 -31.12 25.49 13.12
CA TYR A 234 -29.70 25.32 12.71
C TYR A 234 -29.07 26.70 12.47
N GLN A 235 -27.81 26.84 12.84
CA GLN A 235 -27.02 28.05 12.54
C GLN A 235 -26.46 27.88 11.10
N LEU A 236 -26.86 28.72 10.19
CA LEU A 236 -26.38 28.63 8.82
C LEU A 236 -25.29 29.68 8.56
N VAL A 237 -24.18 29.20 8.05
CA VAL A 237 -23.04 30.01 7.62
C VAL A 237 -22.64 29.57 6.20
N SER A 238 -22.10 30.48 5.43
CA SER A 238 -21.74 30.13 4.04
C SER A 238 -20.46 30.78 3.60
N ASP A 239 -19.74 31.40 4.54
CA ASP A 239 -18.44 31.97 4.23
C ASP A 239 -17.51 31.79 5.41
N ALA A 240 -16.21 31.96 5.14
CA ALA A 240 -15.21 31.81 6.16
C ALA A 240 -15.32 32.74 7.31
N ALA A 241 -15.84 33.97 7.10
CA ALA A 241 -15.94 34.92 8.23
C ALA A 241 -17.14 34.57 9.11
N SER A 242 -18.26 34.24 8.43
CA SER A 242 -19.45 33.80 9.14
C SER A 242 -19.09 32.61 10.04
N LEU A 243 -18.33 31.67 9.49
CA LEU A 243 -17.90 30.49 10.24
C LEU A 243 -17.00 30.85 11.40
N ASN A 244 -16.08 31.80 11.15
CA ASN A 244 -15.16 32.17 12.23
C ASN A 244 -15.93 32.80 13.39
N SER A 245 -16.91 33.64 13.05
CA SER A 245 -17.75 34.31 14.02
C SER A 245 -18.47 33.34 14.95
N VAL A 246 -18.65 32.09 14.52
CA VAL A 246 -19.36 31.12 15.33
C VAL A 246 -18.65 30.84 16.64
N THR A 247 -19.38 31.00 17.73
CA THR A 247 -18.80 30.79 19.06
C THR A 247 -19.33 29.52 19.71
N GLU A 248 -20.46 29.01 19.19
CA GLU A 248 -21.08 27.84 19.80
C GLU A 248 -21.72 26.90 18.79
N ALA A 249 -21.77 25.63 19.18
CA ALA A 249 -22.46 24.65 18.31
C ALA A 249 -22.89 23.47 19.21
N ASN A 250 -24.19 23.23 19.30
CA ASN A 250 -24.70 22.17 20.16
C ASN A 250 -26.05 21.69 19.71
N GLN A 251 -26.64 20.81 20.53
CA GLN A 251 -27.93 20.23 20.21
C GLN A 251 -29.00 21.28 20.05
N GLN A 252 -28.80 22.38 20.76
CA GLN A 252 -29.68 23.54 20.70
C GLN A 252 -29.32 24.42 19.50
N LYS A 253 -28.03 24.68 19.31
CA LYS A 253 -27.59 25.51 18.19
C LYS A 253 -26.73 24.71 17.23
N PRO A 254 -27.30 23.72 16.58
CA PRO A 254 -26.48 22.91 15.63
C PRO A 254 -25.95 23.85 14.54
N LEU A 255 -24.78 23.54 14.02
CA LEU A 255 -24.13 24.33 12.99
C LEU A 255 -24.15 23.62 11.62
N LEU A 256 -24.48 24.35 10.59
CA LEU A 256 -24.56 23.99 9.22
C LEU A 256 -23.86 24.95 8.26
N GLY A 257 -22.69 24.53 7.76
CA GLY A 257 -21.95 25.38 6.85
C GLY A 257 -22.14 24.95 5.40
N LEU A 258 -22.64 25.88 4.58
CA LEU A 258 -22.87 25.56 3.14
C LEU A 258 -22.09 26.60 2.31
N PHE A 259 -20.92 26.21 1.89
CA PHE A 259 -19.91 27.02 1.29
C PHE A 259 -19.77 26.92 -0.20
N ALA A 260 -20.54 26.07 -0.86
CA ALA A 260 -20.51 25.90 -2.30
C ALA A 260 -21.82 25.25 -2.77
N ASP A 261 -22.32 25.67 -3.93
CA ASP A 261 -23.57 25.09 -4.42
C ASP A 261 -23.44 23.58 -4.55
N GLY A 262 -22.29 23.14 -5.01
CA GLY A 262 -21.90 21.77 -5.18
C GLY A 262 -20.68 21.44 -4.35
N ASN A 263 -19.61 20.98 -5.01
CA ASN A 263 -18.38 20.70 -4.26
C ASN A 263 -17.53 21.96 -4.13
N MET A 264 -16.74 21.96 -3.05
CA MET A 264 -15.86 23.10 -2.84
C MET A 264 -14.78 23.15 -3.88
N PRO A 265 -14.28 24.37 -4.11
CA PRO A 265 -13.26 24.56 -5.13
C PRO A 265 -12.00 23.77 -4.84
N VAL A 266 -11.37 23.26 -5.89
CA VAL A 266 -10.10 22.57 -5.80
C VAL A 266 -8.98 23.63 -5.64
N ARG A 267 -7.99 23.30 -4.90
CA ARG A 267 -6.81 23.99 -4.51
C ARG A 267 -5.87 24.33 -5.64
N TRP A 268 -5.65 23.45 -6.61
CA TRP A 268 -4.69 23.73 -7.67
C TRP A 268 -5.27 23.47 -9.07
N LEU A 269 -4.87 24.31 -10.02
CA LEU A 269 -5.30 24.10 -11.40
C LEU A 269 -4.15 23.42 -12.17
N GLY A 270 -4.52 22.73 -13.21
CA GLY A 270 -3.70 22.04 -14.14
C GLY A 270 -4.56 21.42 -15.24
N PRO A 271 -3.93 21.08 -16.35
CA PRO A 271 -4.63 20.47 -17.47
C PRO A 271 -4.82 18.96 -17.24
N LYS A 272 -5.85 18.45 -17.88
CA LYS A 272 -6.18 17.03 -17.88
C LYS A 272 -5.09 16.20 -18.53
N ALA A 273 -4.84 15.02 -17.99
CA ALA A 273 -3.83 14.15 -18.64
C ALA A 273 -4.40 13.77 -20.02
N THR A 274 -3.52 13.32 -20.91
CA THR A 274 -3.99 13.04 -22.28
C THR A 274 -3.18 11.88 -22.88
N TYR A 275 -3.64 11.43 -24.05
CA TYR A 275 -2.95 10.34 -24.73
C TYR A 275 -1.52 10.72 -25.08
N HIS A 276 -0.56 9.90 -24.68
CA HIS A 276 0.84 10.20 -24.95
C HIS A 276 1.23 11.59 -24.50
N GLY A 277 0.55 12.09 -23.48
CA GLY A 277 0.80 13.40 -22.94
C GLY A 277 2.17 13.62 -22.39
N ASN A 278 2.88 12.55 -22.01
CA ASN A 278 4.22 12.81 -21.42
C ASN A 278 5.26 12.86 -22.53
N ILE A 279 4.77 12.65 -23.77
CA ILE A 279 5.74 12.62 -24.88
C ILE A 279 5.50 13.79 -25.83
N ASP A 280 4.25 13.96 -26.21
CA ASP A 280 3.82 14.99 -27.13
C ASP A 280 3.64 16.33 -26.42
N LYS A 281 3.85 16.34 -25.11
CA LYS A 281 3.64 17.56 -24.37
C LYS A 281 4.74 17.88 -23.38
N PRO A 282 4.88 19.18 -23.08
CA PRO A 282 5.85 19.63 -22.09
C PRO A 282 5.31 19.38 -20.67
N ALA A 283 6.24 19.37 -19.73
CA ALA A 283 5.93 19.10 -18.35
C ALA A 283 5.06 20.18 -17.75
N VAL A 284 4.16 19.78 -16.89
CA VAL A 284 3.20 20.66 -16.25
C VAL A 284 3.64 21.05 -14.85
N THR A 285 3.34 22.31 -14.51
CA THR A 285 3.60 22.81 -13.17
C THR A 285 2.30 23.30 -12.55
N CYS A 286 1.86 22.64 -11.47
CA CYS A 286 0.62 23.03 -10.85
C CYS A 286 0.67 24.49 -10.39
N THR A 287 -0.47 25.13 -10.46
CA THR A 287 -0.73 26.47 -10.08
C THR A 287 -1.99 26.65 -9.24
N PRO A 288 -1.88 27.38 -8.16
CA PRO A 288 -3.00 27.68 -7.28
C PRO A 288 -4.24 28.13 -8.06
N ASN A 289 -5.39 27.64 -7.60
CA ASN A 289 -6.66 28.00 -8.22
C ASN A 289 -7.11 29.35 -7.67
N PRO A 290 -7.23 30.35 -8.52
CA PRO A 290 -7.63 31.67 -8.05
C PRO A 290 -8.97 31.62 -7.33
N GLN A 291 -9.86 30.71 -7.77
CA GLN A 291 -11.18 30.57 -7.19
C GLN A 291 -11.16 30.03 -5.77
N ARG A 292 -10.07 29.41 -5.36
CA ARG A 292 -9.95 28.82 -4.06
C ARG A 292 -10.31 29.73 -2.91
N ASN A 293 -10.35 31.02 -3.10
CA ASN A 293 -10.73 32.12 -2.34
C ASN A 293 -10.33 32.28 -0.90
N ASP A 294 -10.71 33.44 -0.38
CA ASP A 294 -10.52 33.92 0.96
C ASP A 294 -11.86 33.92 1.74
N SER A 295 -12.93 33.94 0.97
CA SER A 295 -14.30 33.90 1.50
C SER A 295 -14.64 32.42 1.77
N VAL A 296 -13.82 31.57 1.18
CA VAL A 296 -13.94 30.14 1.32
C VAL A 296 -12.97 29.55 2.34
N PRO A 297 -13.53 28.85 3.32
CA PRO A 297 -12.65 28.23 4.32
C PRO A 297 -12.00 26.99 3.73
N THR A 298 -10.77 26.71 4.14
CA THR A 298 -10.15 25.47 3.58
C THR A 298 -10.44 24.33 4.57
N LEU A 299 -10.15 23.13 4.16
CA LEU A 299 -10.30 21.92 4.94
C LEU A 299 -9.58 22.02 6.27
N ALA A 300 -8.42 22.70 6.26
CA ALA A 300 -7.69 22.84 7.53
C ALA A 300 -8.43 23.76 8.48
N GLN A 301 -9.03 24.81 7.92
CA GLN A 301 -9.82 25.77 8.64
C GLN A 301 -11.07 25.16 9.26
N MET A 302 -11.88 24.44 8.48
CA MET A 302 -13.07 23.81 9.06
C MET A 302 -12.70 22.79 10.11
N THR A 303 -11.68 21.99 9.83
CA THR A 303 -11.18 21.06 10.85
C THR A 303 -10.81 21.79 12.12
N ASP A 304 -10.15 22.94 11.98
CA ASP A 304 -9.81 23.67 13.23
C ASP A 304 -11.08 24.20 13.90
N LYS A 305 -11.98 24.79 13.12
CA LYS A 305 -13.18 25.36 13.78
C LYS A 305 -13.99 24.27 14.44
N ALA A 306 -14.09 23.12 13.76
CA ALA A 306 -14.89 22.03 14.34
C ALA A 306 -14.30 21.48 15.59
N ILE A 307 -12.96 21.32 15.62
CA ILE A 307 -12.43 20.77 16.88
C ILE A 307 -12.66 21.75 18.02
N GLU A 308 -12.57 23.04 17.68
CA GLU A 308 -12.77 24.05 18.72
C GLU A 308 -14.15 23.89 19.35
N LEU A 309 -15.17 23.91 18.49
CA LEU A 309 -16.55 23.82 18.87
C LEU A 309 -16.88 22.52 19.55
N LEU A 310 -16.42 21.42 18.97
CA LEU A 310 -16.72 20.09 19.44
C LEU A 310 -16.02 19.79 20.77
N SER A 311 -14.85 20.36 20.93
CA SER A 311 -13.96 20.18 22.07
C SER A 311 -14.60 20.66 23.37
N LYS A 312 -15.56 21.58 23.22
CA LYS A 312 -16.26 22.11 24.37
C LYS A 312 -16.99 21.03 25.14
N ASN A 313 -17.40 19.96 24.44
CA ASN A 313 -18.11 18.87 25.00
C ASN A 313 -17.32 18.05 26.02
N GLU A 314 -17.80 18.04 27.25
CA GLU A 314 -17.21 17.35 28.36
C GLU A 314 -16.92 15.89 28.05
N LYS A 315 -17.95 15.14 27.72
CA LYS A 315 -17.88 13.73 27.42
C LYS A 315 -16.93 13.42 26.28
N GLY A 316 -16.91 14.30 25.26
CA GLY A 316 -16.04 14.06 24.14
C GLY A 316 -16.69 14.22 22.80
N PHE A 317 -15.93 13.84 21.74
CA PHE A 317 -16.48 14.00 20.42
C PHE A 317 -15.95 13.01 19.40
N PHE A 318 -16.73 12.84 18.34
CA PHE A 318 -16.42 12.04 17.19
C PHE A 318 -16.46 12.99 15.96
N LEU A 319 -15.38 13.04 15.22
CA LEU A 319 -15.41 13.99 14.07
C LEU A 319 -14.86 13.25 12.83
N GLN A 320 -15.57 13.36 11.74
CA GLN A 320 -15.17 12.85 10.47
C GLN A 320 -14.75 14.00 9.54
N VAL A 321 -13.60 13.81 8.90
CA VAL A 321 -13.18 14.91 7.98
C VAL A 321 -12.87 14.28 6.64
N GLU A 322 -13.42 14.84 5.56
CA GLU A 322 -13.15 14.28 4.29
C GLU A 322 -12.49 15.14 3.27
N GLY A 323 -11.28 14.70 2.85
CA GLY A 323 -10.71 15.39 1.66
C GLY A 323 -11.32 14.68 0.44
N ALA A 324 -12.45 15.18 -0.01
CA ALA A 324 -13.24 14.62 -1.05
C ALA A 324 -12.71 14.65 -2.45
N SER A 325 -12.07 15.74 -2.87
CA SER A 325 -11.67 15.93 -4.23
C SER A 325 -10.57 15.11 -4.77
N ILE A 326 -9.80 14.45 -3.90
CA ILE A 326 -8.70 13.60 -4.38
C ILE A 326 -9.21 12.56 -5.36
N ASP A 327 -10.26 11.86 -4.96
CA ASP A 327 -10.91 10.84 -5.78
C ASP A 327 -11.50 11.46 -7.04
N LYS A 328 -12.24 12.55 -6.87
CA LYS A 328 -12.93 13.19 -7.97
C LYS A 328 -11.99 13.58 -9.10
N GLN A 329 -10.86 14.17 -8.71
CA GLN A 329 -9.87 14.62 -9.69
C GLN A 329 -9.08 13.46 -10.25
N ASP A 330 -9.09 12.35 -9.52
CA ASP A 330 -8.45 11.10 -9.97
C ASP A 330 -9.35 10.51 -11.08
N HIS A 331 -10.66 10.59 -10.86
CA HIS A 331 -11.58 10.09 -11.91
C HIS A 331 -11.35 10.92 -13.19
N ALA A 332 -11.12 12.20 -12.97
CA ALA A 332 -10.93 13.19 -13.99
C ALA A 332 -9.58 13.14 -14.69
N ALA A 333 -8.64 12.37 -14.16
CA ALA A 333 -7.32 12.32 -14.80
C ALA A 333 -6.63 13.68 -14.69
N ASN A 334 -6.83 14.36 -13.56
CA ASN A 334 -6.19 15.66 -13.38
C ASN A 334 -5.20 15.62 -12.23
N PRO A 335 -3.93 15.38 -12.54
CA PRO A 335 -2.90 15.24 -11.53
C PRO A 335 -2.78 16.41 -10.60
N CYS A 336 -2.88 17.63 -11.14
CA CYS A 336 -2.75 18.80 -10.26
C CYS A 336 -3.89 18.89 -9.29
N GLY A 337 -5.12 18.61 -9.76
CA GLY A 337 -6.27 18.62 -8.88
C GLY A 337 -6.11 17.57 -7.79
N GLN A 338 -5.78 16.36 -8.22
CA GLN A 338 -5.61 15.22 -7.31
C GLN A 338 -4.56 15.52 -6.25
N ILE A 339 -3.39 15.95 -6.72
CA ILE A 339 -2.29 16.23 -5.79
C ILE A 339 -2.59 17.39 -4.87
N GLY A 340 -3.14 18.47 -5.42
CA GLY A 340 -3.53 19.61 -4.63
C GLY A 340 -4.47 19.21 -3.51
N GLU A 341 -5.44 18.36 -3.83
CA GLU A 341 -6.39 17.88 -2.82
C GLU A 341 -5.75 17.00 -1.80
N THR A 342 -4.62 16.36 -2.17
CA THR A 342 -3.97 15.54 -1.12
C THR A 342 -3.15 16.40 -0.19
N VAL A 343 -2.63 17.50 -0.72
CA VAL A 343 -1.84 18.45 0.07
C VAL A 343 -2.76 19.11 1.11
N ASP A 344 -3.96 19.43 0.68
CA ASP A 344 -5.02 20.04 1.52
C ASP A 344 -5.30 19.13 2.72
N LEU A 345 -5.40 17.83 2.43
CA LEU A 345 -5.65 16.84 3.43
C LEU A 345 -4.57 16.78 4.49
N ASP A 346 -3.32 16.83 4.04
CA ASP A 346 -2.18 16.84 4.94
C ASP A 346 -2.30 17.99 5.94
N GLU A 347 -2.71 19.16 5.43
CA GLU A 347 -2.85 20.32 6.32
C GLU A 347 -3.92 20.05 7.37
N ALA A 348 -5.00 19.41 6.97
CA ALA A 348 -6.11 19.11 7.91
C ALA A 348 -5.63 18.11 8.96
N VAL A 349 -4.85 17.14 8.48
CA VAL A 349 -4.24 16.13 9.34
C VAL A 349 -3.31 16.76 10.36
N GLN A 350 -2.47 17.71 9.93
CA GLN A 350 -1.58 18.36 10.88
C GLN A 350 -2.36 19.01 12.03
N ARG A 351 -3.47 19.66 11.70
CA ARG A 351 -4.29 20.34 12.72
C ARG A 351 -4.79 19.31 13.73
N ALA A 352 -5.32 18.22 13.17
CA ALA A 352 -5.85 17.17 14.03
C ALA A 352 -4.78 16.58 14.91
N LEU A 353 -3.57 16.40 14.34
CA LEU A 353 -2.48 15.82 15.16
C LEU A 353 -2.03 16.77 16.23
N GLU A 354 -1.91 18.05 15.90
CA GLU A 354 -1.47 19.03 16.90
C GLU A 354 -2.39 18.99 18.12
N PHE A 355 -3.69 19.06 17.87
CA PHE A 355 -4.68 19.00 18.96
C PHE A 355 -4.55 17.70 19.74
N ALA A 356 -4.46 16.60 19.01
CA ALA A 356 -4.41 15.27 19.59
C ALA A 356 -3.19 15.09 20.49
N LYS A 357 -2.09 15.66 20.05
CA LYS A 357 -0.81 15.57 20.77
C LYS A 357 -1.01 16.21 22.17
N LYS A 358 -1.64 17.36 22.10
CA LYS A 358 -1.99 18.22 23.21
C LYS A 358 -2.96 17.52 24.17
N GLU A 359 -4.16 17.20 23.69
CA GLU A 359 -5.20 16.55 24.43
C GLU A 359 -4.80 15.27 25.13
N GLY A 360 -4.08 14.37 24.45
CA GLY A 360 -3.61 13.13 24.97
C GLY A 360 -4.57 11.98 24.95
N ASN A 361 -5.86 12.23 24.77
CA ASN A 361 -6.80 11.07 24.79
C ASN A 361 -7.58 11.05 23.48
N THR A 362 -6.91 11.47 22.42
CA THR A 362 -7.62 11.53 21.14
C THR A 362 -7.06 10.50 20.19
N LEU A 363 -7.96 9.78 19.51
CA LEU A 363 -7.47 8.79 18.53
C LEU A 363 -7.64 9.45 17.14
N VAL A 364 -6.56 9.45 16.39
CA VAL A 364 -6.49 10.01 15.08
C VAL A 364 -6.28 8.93 14.02
N ILE A 365 -7.20 8.91 13.04
CA ILE A 365 -7.14 7.93 11.98
C ILE A 365 -7.02 8.55 10.62
N VAL A 366 -6.05 8.02 9.83
CA VAL A 366 -5.95 8.55 8.47
C VAL A 366 -6.03 7.43 7.47
N THR A 367 -7.10 7.44 6.64
CA THR A 367 -7.13 6.33 5.64
C THR A 367 -7.95 6.74 4.45
N ALA A 368 -8.30 5.84 3.55
CA ALA A 368 -9.13 6.20 2.37
C ALA A 368 -10.20 5.10 2.22
N ASP A 369 -11.24 5.37 1.46
CA ASP A 369 -12.35 4.44 1.31
C ASP A 369 -12.02 3.28 0.38
N HIS A 370 -11.24 3.57 -0.64
CA HIS A 370 -10.79 2.59 -1.61
C HIS A 370 -9.57 3.16 -2.36
N ALA A 371 -9.11 2.44 -3.36
CA ALA A 371 -8.02 2.75 -4.22
C ALA A 371 -8.45 3.36 -5.51
N HIS A 372 -7.51 3.80 -6.36
CA HIS A 372 -7.90 4.54 -7.56
C HIS A 372 -7.00 4.24 -8.74
N ALA A 373 -7.18 4.96 -9.82
CA ALA A 373 -6.54 4.80 -11.08
C ALA A 373 -5.08 5.14 -11.17
N SER A 374 -4.68 6.30 -10.64
CA SER A 374 -3.39 6.83 -10.65
C SER A 374 -2.22 5.92 -10.51
N GLN A 375 -1.29 5.99 -11.49
CA GLN A 375 -0.06 5.23 -11.37
C GLN A 375 1.13 6.13 -11.71
N ILE A 376 2.23 5.91 -11.00
CA ILE A 376 3.45 6.67 -11.32
C ILE A 376 4.31 5.77 -12.22
N VAL A 377 4.71 6.27 -13.37
CA VAL A 377 5.51 5.48 -14.31
C VAL A 377 6.72 6.25 -14.83
N ALA A 378 7.57 5.50 -15.52
CA ALA A 378 8.79 6.02 -16.12
C ALA A 378 8.48 7.18 -17.07
N PRO A 379 9.37 8.15 -17.14
CA PRO A 379 9.15 9.34 -17.96
C PRO A 379 8.91 9.01 -19.43
N ASP A 380 9.55 7.98 -19.92
CA ASP A 380 9.53 7.58 -21.33
C ASP A 380 8.38 6.64 -21.65
N THR A 381 7.49 6.43 -20.70
CA THR A 381 6.41 5.48 -20.88
C THR A 381 5.52 5.83 -22.06
N LYS A 382 5.14 4.81 -22.80
CA LYS A 382 4.25 4.85 -23.95
C LYS A 382 2.99 3.99 -23.62
N ALA A 383 2.04 4.65 -23.02
CA ALA A 383 0.84 4.22 -22.48
C ALA A 383 -0.41 4.37 -23.35
N PRO A 384 -1.28 3.38 -23.25
CA PRO A 384 -2.54 3.29 -23.94
C PRO A 384 -3.59 4.26 -23.40
N GLY A 385 -3.35 4.79 -22.21
CA GLY A 385 -4.23 5.69 -21.54
C GLY A 385 -3.85 7.14 -21.59
N LEU A 386 -4.17 7.85 -20.51
CA LEU A 386 -3.89 9.23 -20.27
C LEU A 386 -2.69 9.44 -19.37
N THR A 387 -1.71 10.18 -19.90
CA THR A 387 -0.50 10.44 -19.15
C THR A 387 -0.22 11.95 -19.12
N GLN A 388 0.66 12.32 -18.23
CA GLN A 388 1.07 13.72 -18.08
C GLN A 388 2.39 13.76 -17.33
N ALA A 389 3.27 14.67 -17.75
CA ALA A 389 4.56 14.74 -17.01
C ALA A 389 4.47 15.95 -16.07
N LEU A 390 5.08 15.85 -14.92
CA LEU A 390 5.01 16.95 -13.96
C LEU A 390 6.41 17.29 -13.44
N ASN A 391 6.62 18.57 -13.23
CA ASN A 391 7.82 19.17 -12.67
C ASN A 391 7.64 19.17 -11.12
N THR A 392 8.42 18.36 -10.45
CA THR A 392 8.29 18.21 -9.01
C THR A 392 9.24 19.14 -8.25
N LYS A 393 9.11 19.10 -6.93
CA LYS A 393 9.92 19.85 -6.03
C LYS A 393 11.41 19.52 -6.18
N ASP A 394 11.73 18.28 -6.52
CA ASP A 394 13.08 17.80 -6.69
C ASP A 394 13.70 18.34 -8.01
N GLY A 395 12.94 19.13 -8.74
CA GLY A 395 13.39 19.65 -10.03
C GLY A 395 13.56 18.50 -11.02
N ALA A 396 12.70 17.50 -10.88
CA ALA A 396 12.75 16.36 -11.78
C ALA A 396 11.37 16.16 -12.38
N VAL A 397 11.28 15.35 -13.41
CA VAL A 397 10.00 15.07 -14.06
C VAL A 397 9.40 13.79 -13.53
N MET A 398 8.11 13.83 -13.24
CA MET A 398 7.40 12.60 -12.82
C MET A 398 6.25 12.36 -13.81
N VAL A 399 6.07 11.13 -14.25
CA VAL A 399 4.95 10.85 -15.13
C VAL A 399 3.84 10.09 -14.44
N MET A 400 2.64 10.65 -14.53
CA MET A 400 1.46 10.02 -13.99
C MET A 400 0.59 9.48 -15.14
N SER A 401 0.03 8.31 -14.91
CA SER A 401 -0.74 7.56 -15.85
C SER A 401 -2.11 7.13 -15.27
N TYR A 402 -3.11 7.21 -16.12
CA TYR A 402 -4.49 6.78 -15.86
C TYR A 402 -4.95 5.91 -17.04
N GLY A 403 -4.93 4.59 -16.88
CA GLY A 403 -5.29 3.70 -17.95
C GLY A 403 -6.22 2.58 -17.66
N ASN A 404 -7.21 2.75 -16.79
CA ASN A 404 -8.18 1.71 -16.48
C ASN A 404 -9.55 1.94 -17.04
N SER A 405 -9.74 2.97 -17.88
CA SER A 405 -11.07 3.19 -18.42
C SER A 405 -11.03 3.93 -19.74
N GLU A 406 -11.80 3.41 -20.71
CA GLU A 406 -11.88 4.14 -21.99
C GLU A 406 -13.02 5.17 -21.87
N GLU A 407 -13.66 5.14 -20.71
CA GLU A 407 -14.74 6.04 -20.40
C GLU A 407 -14.19 7.39 -19.91
N ASP A 408 -15.10 8.34 -19.80
CA ASP A 408 -14.81 9.70 -19.35
C ASP A 408 -14.18 9.67 -17.95
N SER A 409 -14.60 8.70 -17.17
CA SER A 409 -14.20 8.46 -15.81
C SER A 409 -13.20 7.33 -15.67
N GLN A 410 -12.16 7.58 -14.85
CA GLN A 410 -11.19 6.50 -14.59
C GLN A 410 -11.73 5.72 -13.39
N GLU A 411 -11.34 4.48 -13.21
CA GLU A 411 -12.03 3.67 -12.21
C GLU A 411 -11.37 3.58 -10.85
N HIS A 412 -12.18 3.16 -9.88
CA HIS A 412 -11.63 2.84 -8.54
C HIS A 412 -10.86 1.50 -8.73
N THR A 413 -9.99 1.19 -7.80
CA THR A 413 -9.22 -0.05 -7.83
C THR A 413 -9.33 -0.80 -6.51
N GLY A 414 -9.21 -2.12 -6.57
CA GLY A 414 -9.36 -3.06 -5.55
C GLY A 414 -8.30 -3.28 -4.55
N SER A 415 -7.09 -2.75 -4.74
CA SER A 415 -6.01 -3.01 -3.81
C SER A 415 -6.25 -2.56 -2.39
N GLN A 416 -5.78 -3.35 -1.43
CA GLN A 416 -5.78 -2.93 -0.02
C GLN A 416 -4.86 -1.69 0.07
N LEU A 417 -4.99 -0.95 1.17
CA LEU A 417 -4.22 0.31 1.21
C LEU A 417 -3.95 0.73 2.65
N ARG A 418 -2.99 1.63 2.78
CA ARG A 418 -2.57 2.18 4.03
C ARG A 418 -3.74 2.67 4.90
N ILE A 419 -3.65 2.33 6.17
CA ILE A 419 -4.44 2.91 7.23
C ILE A 419 -3.47 3.25 8.37
N ALA A 420 -3.57 4.43 8.91
CA ALA A 420 -2.59 4.87 9.92
C ALA A 420 -3.30 5.49 11.10
N ALA A 421 -2.64 5.53 12.24
CA ALA A 421 -3.38 6.07 13.40
C ALA A 421 -2.42 6.55 14.47
N TYR A 422 -2.94 7.36 15.38
CA TYR A 422 -2.16 7.86 16.52
C TYR A 422 -3.11 8.01 17.71
N GLY A 423 -2.65 7.60 18.87
CA GLY A 423 -3.45 7.72 20.08
C GLY A 423 -3.84 6.38 20.65
N PRO A 424 -4.69 6.43 21.66
CA PRO A 424 -5.17 5.25 22.34
C PRO A 424 -5.92 4.32 21.37
N HIS A 425 -5.65 3.03 21.40
CA HIS A 425 -6.31 2.06 20.55
C HIS A 425 -5.81 2.06 19.12
N ALA A 426 -4.74 2.78 18.87
CA ALA A 426 -4.11 2.89 17.59
C ALA A 426 -3.59 1.58 17.07
N ALA A 427 -3.17 0.68 17.96
CA ALA A 427 -2.67 -0.62 17.56
C ALA A 427 -3.63 -1.38 16.69
N ASN A 428 -4.94 -1.13 16.84
CA ASN A 428 -5.92 -1.88 16.10
C ASN A 428 -5.88 -1.72 14.61
N VAL A 429 -5.02 -0.84 14.11
CA VAL A 429 -4.87 -0.60 12.71
C VAL A 429 -3.68 -1.31 12.10
N VAL A 430 -2.82 -1.86 12.96
CA VAL A 430 -1.62 -2.54 12.49
C VAL A 430 -1.92 -3.94 12.00
N GLY A 431 -1.11 -4.38 11.03
CA GLY A 431 -1.26 -5.64 10.36
C GLY A 431 -2.33 -5.51 9.25
N LEU A 432 -2.92 -6.62 8.87
CA LEU A 432 -4.02 -6.69 7.94
C LEU A 432 -5.35 -6.63 8.72
N THR A 433 -6.23 -5.77 8.26
CA THR A 433 -7.54 -5.63 8.85
C THR A 433 -8.55 -5.39 7.69
N ASP A 434 -9.80 -5.29 8.06
CA ASP A 434 -10.90 -4.98 7.18
C ASP A 434 -11.46 -3.60 7.56
N GLN A 435 -12.00 -2.92 6.57
CA GLN A 435 -12.65 -1.62 6.79
C GLN A 435 -13.68 -1.70 7.91
N THR A 436 -14.39 -2.83 7.99
CA THR A 436 -15.43 -3.03 8.99
C THR A 436 -14.86 -3.09 10.40
N ASP A 437 -13.62 -3.54 10.52
CA ASP A 437 -12.94 -3.61 11.82
C ASP A 437 -12.80 -2.21 12.42
N LEU A 438 -12.67 -1.22 11.54
CA LEU A 438 -12.52 0.15 11.98
C LEU A 438 -13.74 0.62 12.76
N PHE A 439 -14.91 0.15 12.36
CA PHE A 439 -16.15 0.55 13.04
C PHE A 439 -16.08 0.09 14.49
N TYR A 440 -15.69 -1.19 14.62
CA TYR A 440 -15.55 -1.81 15.92
C TYR A 440 -14.45 -1.20 16.73
N THR A 441 -13.39 -0.72 16.07
CA THR A 441 -12.27 -0.09 16.74
C THR A 441 -12.65 1.26 17.32
N MET A 442 -13.39 2.08 16.57
CA MET A 442 -13.81 3.37 17.12
C MET A 442 -14.88 3.21 18.19
N LYS A 443 -15.63 2.13 18.11
CA LYS A 443 -16.71 1.91 19.09
C LYS A 443 -16.10 1.59 20.45
N ALA A 444 -15.28 0.55 20.45
CA ALA A 444 -14.63 0.15 21.71
C ALA A 444 -13.74 1.25 22.24
N ALA A 445 -13.07 1.94 21.32
CA ALA A 445 -12.18 3.02 21.80
C ALA A 445 -12.98 4.09 22.50
N LEU A 446 -14.21 4.36 22.04
CA LEU A 446 -14.97 5.43 22.71
C LEU A 446 -15.83 4.86 23.82
N GLY A 447 -15.73 3.57 24.06
CA GLY A 447 -16.53 2.88 25.05
C GLY A 447 -17.99 2.81 24.73
N LEU A 448 -18.36 2.61 23.45
CA LEU A 448 -19.79 2.57 23.18
C LEU A 448 -20.38 1.19 23.41
N LYS A 449 -21.69 1.18 23.58
CA LYS A 449 -22.44 -0.06 23.79
C LYS A 449 -23.18 -0.42 22.50
N THR B 1 8.75 -19.70 20.44
CA THR B 1 8.34 -19.16 21.74
C THR B 1 6.96 -18.54 21.67
N PRO B 2 6.12 -18.80 22.68
CA PRO B 2 4.77 -18.16 22.63
C PRO B 2 4.98 -16.64 22.87
N GLU B 3 6.23 -16.33 23.19
CA GLU B 3 6.72 -14.99 23.43
C GLU B 3 6.41 -14.08 22.26
N MET B 4 7.12 -14.31 21.14
CA MET B 4 6.85 -13.53 19.95
C MET B 4 5.80 -14.09 19.07
N PRO B 5 4.62 -13.43 19.07
CA PRO B 5 3.53 -13.99 18.28
C PRO B 5 3.49 -13.54 16.83
N VAL B 6 2.69 -14.27 16.06
CA VAL B 6 2.37 -13.97 14.68
C VAL B 6 0.83 -13.99 14.55
N LEU B 7 0.31 -13.38 13.52
CA LEU B 7 -1.16 -13.37 13.32
C LEU B 7 -1.60 -14.73 12.84
N GLU B 8 -2.41 -15.41 13.65
CA GLU B 8 -2.77 -16.77 13.23
C GLU B 8 -4.01 -16.78 12.37
N ASN B 9 -4.93 -15.84 12.66
CA ASN B 9 -6.15 -15.73 11.95
C ASN B 9 -6.63 -14.34 11.67
N ARG B 10 -6.31 -13.84 10.47
CA ARG B 10 -6.79 -12.54 10.09
C ARG B 10 -7.83 -12.62 9.01
N ALA B 11 -8.49 -13.79 8.94
CA ALA B 11 -9.57 -13.98 8.00
C ALA B 11 -10.89 -13.50 8.62
N ALA B 12 -11.84 -13.20 7.75
CA ALA B 12 -13.17 -12.76 8.16
C ALA B 12 -13.74 -13.71 9.22
N GLN B 13 -14.29 -13.14 10.28
CA GLN B 13 -14.81 -13.91 11.37
C GLN B 13 -15.99 -14.76 11.05
N GLY B 14 -17.08 -14.20 10.45
CA GLY B 14 -18.21 -15.05 10.17
C GLY B 14 -18.83 -14.86 8.80
N ASP B 15 -20.07 -14.41 8.78
CA ASP B 15 -20.87 -14.17 7.61
C ASP B 15 -20.66 -12.71 7.14
N ILE B 16 -20.05 -12.59 5.96
CA ILE B 16 -19.72 -11.31 5.39
C ILE B 16 -20.90 -10.41 5.15
N THR B 17 -22.10 -10.98 4.97
CA THR B 17 -23.29 -10.18 4.78
C THR B 17 -23.86 -9.69 6.10
N ALA B 18 -23.38 -10.26 7.20
CA ALA B 18 -23.84 -9.95 8.53
C ALA B 18 -22.95 -8.94 9.26
N PRO B 19 -23.59 -8.17 10.15
CA PRO B 19 -22.85 -7.23 10.97
C PRO B 19 -21.67 -7.87 11.68
N GLY B 20 -20.50 -7.27 11.49
CA GLY B 20 -19.29 -7.78 12.11
C GLY B 20 -18.80 -9.09 11.52
N GLY B 21 -19.51 -9.65 10.56
CA GLY B 21 -19.10 -10.91 9.97
C GLY B 21 -17.83 -10.80 9.14
N ALA B 22 -17.45 -9.62 8.69
CA ALA B 22 -16.27 -9.48 7.82
C ALA B 22 -15.05 -9.02 8.60
N ARG B 23 -15.23 -8.88 9.90
CA ARG B 23 -14.17 -8.44 10.78
C ARG B 23 -12.99 -9.41 10.73
N ARG B 24 -11.79 -8.85 10.80
CA ARG B 24 -10.61 -9.74 10.84
C ARG B 24 -10.07 -9.83 12.24
N LEU B 25 -10.50 -8.92 13.11
CA LEU B 25 -9.96 -8.91 14.48
C LEU B 25 -10.95 -9.49 15.47
N THR B 26 -10.44 -10.16 16.50
CA THR B 26 -11.33 -10.74 17.51
C THR B 26 -11.33 -9.93 18.79
N GLY B 27 -10.30 -9.10 18.96
CA GLY B 27 -10.19 -8.23 20.11
C GLY B 27 -9.20 -7.09 19.91
N ASP B 28 -8.83 -6.44 21.00
CA ASP B 28 -7.87 -5.35 21.02
C ASP B 28 -6.46 -5.90 20.89
N GLN B 29 -5.62 -5.28 20.07
CA GLN B 29 -4.29 -5.82 19.81
C GLN B 29 -3.18 -5.16 20.58
N THR B 30 -3.51 -4.18 21.42
CA THR B 30 -2.45 -3.44 22.12
C THR B 30 -1.48 -4.37 22.81
N ALA B 31 -2.03 -5.37 23.50
CA ALA B 31 -1.18 -6.33 24.19
C ALA B 31 -0.32 -7.12 23.22
N ALA B 32 -0.97 -7.69 22.20
CA ALA B 32 -0.21 -8.52 21.24
C ALA B 32 0.93 -7.70 20.65
N LEU B 33 0.62 -6.43 20.35
CA LEU B 33 1.66 -5.56 19.79
C LEU B 33 2.84 -5.45 20.75
N ARG B 34 2.56 -5.04 21.98
CA ARG B 34 3.61 -4.89 22.98
C ARG B 34 4.49 -6.13 23.06
N ASP B 35 3.89 -7.31 22.91
CA ASP B 35 4.58 -8.57 22.98
C ASP B 35 5.39 -8.89 21.72
N SER B 36 5.19 -8.10 20.68
CA SER B 36 5.86 -8.30 19.42
C SER B 36 7.09 -7.42 19.28
N LEU B 37 7.34 -6.55 20.25
CA LEU B 37 8.46 -5.63 20.21
C LEU B 37 9.66 -6.10 21.00
N SER B 38 10.81 -6.18 20.33
CA SER B 38 12.03 -6.56 21.10
C SER B 38 13.24 -5.87 20.46
N ASP B 39 14.09 -5.33 21.31
CA ASP B 39 15.30 -4.62 20.90
C ASP B 39 16.52 -5.52 21.04
N LYS B 40 16.23 -6.78 21.37
CA LYS B 40 17.30 -7.77 21.48
C LYS B 40 17.90 -8.05 20.12
N PRO B 41 19.17 -8.45 20.13
CA PRO B 41 19.84 -8.71 18.86
C PRO B 41 19.26 -9.90 18.13
N ALA B 42 19.29 -9.80 16.80
CA ALA B 42 18.83 -10.91 15.98
C ALA B 42 20.02 -11.85 15.76
N LYS B 43 19.77 -13.13 15.90
CA LYS B 43 20.81 -14.15 15.66
C LYS B 43 20.86 -14.39 14.13
N ASN B 44 19.65 -14.53 13.58
CA ASN B 44 19.51 -14.76 12.16
C ASN B 44 18.54 -13.75 11.52
N ILE B 45 18.71 -13.62 10.20
CA ILE B 45 17.86 -12.82 9.39
C ILE B 45 17.46 -13.59 8.09
N ILE B 46 16.18 -13.61 7.84
CA ILE B 46 15.60 -14.19 6.64
C ILE B 46 14.78 -13.09 5.91
N LEU B 47 15.24 -12.73 4.73
CA LEU B 47 14.67 -11.71 3.90
C LEU B 47 13.95 -12.26 2.70
N LEU B 48 12.62 -12.10 2.70
CA LEU B 48 11.79 -12.61 1.63
C LEU B 48 11.28 -11.51 0.73
N ILE B 49 11.70 -11.59 -0.53
CA ILE B 49 11.37 -10.63 -1.53
C ILE B 49 10.43 -11.14 -2.61
N GLY B 50 9.29 -10.46 -2.75
CA GLY B 50 8.43 -10.79 -3.89
C GLY B 50 8.68 -9.74 -4.97
N ASP B 51 9.45 -10.14 -6.00
CA ASP B 51 9.71 -9.15 -7.05
C ASP B 51 8.38 -8.65 -7.62
N GLY B 52 8.18 -7.34 -7.56
CA GLY B 52 7.03 -6.65 -8.06
C GLY B 52 5.78 -6.85 -7.22
N MET B 53 5.96 -7.30 -5.98
CA MET B 53 4.84 -7.58 -5.12
C MET B 53 4.32 -6.41 -4.34
N GLY B 54 3.58 -5.51 -5.01
CA GLY B 54 2.99 -4.41 -4.24
C GLY B 54 1.73 -4.87 -3.53
N ASP B 55 1.00 -3.90 -3.01
CA ASP B 55 -0.26 -4.24 -2.30
C ASP B 55 -1.29 -4.77 -3.26
N SER B 56 -1.31 -4.23 -4.47
CA SER B 56 -2.21 -4.68 -5.53
C SER B 56 -2.01 -6.16 -5.84
N GLU B 57 -0.77 -6.57 -6.06
CA GLU B 57 -0.47 -7.97 -6.36
C GLU B 57 -0.87 -8.87 -5.21
N ILE B 58 -0.57 -8.48 -3.98
CA ILE B 58 -0.92 -9.30 -2.81
C ILE B 58 -2.44 -9.48 -2.70
N THR B 59 -3.14 -8.39 -2.98
CA THR B 59 -4.60 -8.38 -2.85
C THR B 59 -5.24 -9.27 -3.91
N ALA B 60 -4.78 -9.10 -5.14
CA ALA B 60 -5.28 -9.87 -6.26
C ALA B 60 -5.09 -11.38 -6.02
N ALA B 61 -3.98 -11.73 -5.40
CA ALA B 61 -3.61 -13.10 -5.12
C ALA B 61 -4.38 -13.70 -3.97
N ARG B 62 -4.63 -12.89 -2.94
CA ARG B 62 -5.48 -13.36 -1.85
C ARG B 62 -6.93 -13.55 -2.36
N ASN B 63 -7.48 -12.57 -3.06
CA ASN B 63 -8.83 -12.64 -3.57
C ASN B 63 -9.06 -13.93 -4.34
N TYR B 64 -8.10 -14.28 -5.19
CA TYR B 64 -8.20 -15.45 -6.03
C TYR B 64 -8.05 -16.76 -5.29
N ALA B 65 -7.00 -16.89 -4.49
CA ALA B 65 -6.64 -18.09 -3.82
C ALA B 65 -7.29 -18.33 -2.48
N GLU B 66 -7.57 -17.30 -1.73
CA GLU B 66 -8.14 -17.37 -0.39
C GLU B 66 -9.49 -16.69 -0.27
N GLY B 67 -9.90 -15.93 -1.29
CA GLY B 67 -11.16 -15.20 -1.17
C GLY B 67 -10.91 -13.84 -0.55
N ALA B 68 -11.75 -12.86 -0.87
CA ALA B 68 -11.51 -11.51 -0.31
C ALA B 68 -11.37 -11.52 1.18
N GLY B 69 -12.21 -12.31 1.86
CA GLY B 69 -12.13 -12.40 3.30
C GLY B 69 -11.10 -13.44 3.73
N GLY B 70 -10.29 -13.88 2.77
CA GLY B 70 -9.27 -14.87 3.04
C GLY B 70 -8.08 -14.32 3.82
N PHE B 71 -7.04 -15.13 3.92
CA PHE B 71 -5.86 -14.73 4.71
C PHE B 71 -4.65 -15.56 4.31
N PHE B 72 -3.55 -14.88 4.01
CA PHE B 72 -2.31 -15.57 3.65
C PHE B 72 -1.55 -15.97 4.93
N LYS B 73 -1.53 -17.25 5.21
CA LYS B 73 -0.90 -17.80 6.41
C LYS B 73 0.56 -17.35 6.52
N GLY B 74 1.18 -17.09 5.35
CA GLY B 74 2.55 -16.61 5.33
C GLY B 74 2.59 -15.08 5.30
N ILE B 75 2.39 -14.55 4.12
CA ILE B 75 2.43 -13.16 3.77
C ILE B 75 1.76 -12.21 4.71
N ASP B 76 0.53 -12.51 5.11
CA ASP B 76 -0.34 -11.72 5.94
C ASP B 76 -0.14 -11.93 7.43
N ALA B 77 0.73 -12.88 7.80
CA ALA B 77 0.85 -13.20 9.21
C ALA B 77 1.79 -12.33 9.96
N LEU B 78 2.57 -11.52 9.23
CA LEU B 78 3.52 -10.64 9.95
C LEU B 78 2.86 -9.52 10.67
N PRO B 79 3.11 -9.35 11.97
CA PRO B 79 2.41 -8.36 12.78
C PRO B 79 2.81 -6.93 12.60
N LEU B 80 4.09 -6.69 12.28
CA LEU B 80 4.56 -5.32 12.15
C LEU B 80 4.64 -4.89 10.72
N THR B 81 3.75 -3.96 10.35
CA THR B 81 3.66 -3.53 8.96
C THR B 81 3.91 -2.03 8.83
N GLY B 82 4.36 -1.65 7.64
CA GLY B 82 4.61 -0.28 7.26
C GLY B 82 4.57 -0.11 5.74
N GLN B 83 5.00 1.04 5.29
CA GLN B 83 5.06 1.37 3.86
C GLN B 83 6.43 2.00 3.57
N TYR B 84 7.14 1.49 2.57
CA TYR B 84 8.42 2.01 2.23
C TYR B 84 8.53 2.60 0.84
N THR B 85 9.50 3.48 0.64
CA THR B 85 9.73 4.13 -0.66
C THR B 85 10.92 3.51 -1.37
N HIS B 86 10.87 3.42 -2.70
CA HIS B 86 12.06 2.77 -3.36
C HIS B 86 12.48 3.52 -4.60
N TYR B 87 12.35 4.85 -4.63
CA TYR B 87 12.79 5.55 -5.84
C TYR B 87 14.29 5.36 -6.08
N ALA B 88 14.69 5.44 -7.34
CA ALA B 88 16.10 5.35 -7.71
C ALA B 88 16.66 6.74 -7.99
N LEU B 89 17.92 6.80 -8.45
CA LEU B 89 18.50 8.13 -8.75
C LEU B 89 18.79 8.23 -10.25
N ASN B 90 18.78 9.47 -10.74
CA ASN B 90 19.19 9.62 -12.16
C ASN B 90 20.75 9.76 -12.12
N LYS B 91 21.42 8.95 -12.88
CA LYS B 91 22.85 8.90 -12.97
C LYS B 91 23.53 10.20 -13.27
N LYS B 92 23.08 10.91 -14.30
CA LYS B 92 23.75 12.16 -14.66
C LYS B 92 23.62 13.21 -13.57
N THR B 93 22.41 13.43 -13.09
CA THR B 93 22.10 14.49 -12.17
C THR B 93 21.97 14.17 -10.73
N GLY B 94 21.82 12.92 -10.32
CA GLY B 94 21.73 12.59 -8.89
C GLY B 94 20.38 12.99 -8.29
N LYS B 95 19.43 13.33 -9.15
CA LYS B 95 18.08 13.64 -8.75
C LYS B 95 17.27 12.32 -8.75
N PRO B 96 16.17 12.34 -8.01
CA PRO B 96 15.34 11.14 -7.94
C PRO B 96 14.76 10.74 -9.29
N ASP B 97 14.71 9.44 -9.48
CA ASP B 97 14.10 8.76 -10.62
C ASP B 97 12.96 7.90 -9.96
N TYR B 98 11.77 8.42 -10.04
CA TYR B 98 10.61 7.93 -9.35
C TYR B 98 10.28 6.50 -9.49
N VAL B 99 10.62 5.90 -10.64
CA VAL B 99 10.36 4.50 -10.86
C VAL B 99 11.65 3.73 -11.08
N THR B 100 11.92 2.78 -10.20
CA THR B 100 13.08 1.98 -10.19
C THR B 100 12.94 0.61 -10.85
N ASP B 101 14.09 0.01 -11.11
CA ASP B 101 14.25 -1.33 -11.65
C ASP B 101 14.75 -2.22 -10.53
N SER B 102 14.84 -3.53 -10.71
CA SER B 102 15.27 -4.33 -9.55
C SER B 102 16.73 -4.24 -9.25
N ALA B 103 17.50 -3.67 -10.18
CA ALA B 103 18.96 -3.58 -9.94
C ALA B 103 19.23 -2.52 -8.89
N ALA B 104 18.66 -1.34 -9.13
CA ALA B 104 18.81 -0.23 -8.19
C ALA B 104 18.14 -0.47 -6.87
N SER B 105 16.94 -1.08 -6.88
CA SER B 105 16.25 -1.34 -5.61
C SER B 105 16.98 -2.37 -4.78
N ALA B 106 17.43 -3.44 -5.43
CA ALA B 106 18.17 -4.48 -4.68
C ALA B 106 19.46 -3.89 -4.12
N THR B 107 20.10 -3.03 -4.90
CA THR B 107 21.34 -2.38 -4.43
C THR B 107 21.09 -1.55 -3.20
N ALA B 108 19.93 -0.92 -3.10
CA ALA B 108 19.58 -0.13 -1.96
C ALA B 108 19.44 -0.88 -0.67
N TRP B 109 18.72 -2.04 -0.66
CA TRP B 109 18.61 -2.70 0.64
C TRP B 109 19.87 -3.45 1.00
N SER B 110 20.61 -3.91 -0.01
CA SER B 110 21.83 -4.66 0.21
C SER B 110 23.02 -3.86 0.62
N THR B 111 23.11 -2.58 0.23
CA THR B 111 24.28 -1.80 0.61
C THR B 111 23.98 -0.49 1.29
N GLY B 112 22.74 -0.03 1.28
CA GLY B 112 22.34 1.18 1.95
C GLY B 112 22.54 2.45 1.20
N VAL B 113 22.69 2.38 -0.15
CA VAL B 113 22.85 3.58 -0.91
C VAL B 113 22.05 3.58 -2.21
N LYS B 114 21.36 4.70 -2.45
CA LYS B 114 20.62 4.87 -3.68
C LYS B 114 21.54 4.79 -4.89
N THR B 115 20.99 4.28 -5.98
CA THR B 115 21.71 4.14 -7.22
C THR B 115 20.83 4.37 -8.43
N TYR B 116 21.41 4.19 -9.62
CA TYR B 116 20.68 4.41 -10.86
C TYR B 116 20.23 3.06 -11.42
N ASN B 117 19.13 3.10 -12.17
CA ASN B 117 18.61 1.85 -12.75
C ASN B 117 19.68 1.16 -13.57
N GLY B 118 19.82 -0.15 -13.40
CA GLY B 118 20.81 -0.90 -14.13
C GLY B 118 21.97 -1.37 -13.27
N ALA B 119 22.30 -0.62 -12.25
CA ALA B 119 23.36 -0.77 -11.33
C ALA B 119 23.29 -1.88 -10.31
N LEU B 120 24.39 -2.65 -10.19
CA LEU B 120 24.51 -3.65 -9.15
C LEU B 120 25.67 -3.33 -8.21
N GLY B 121 25.39 -3.09 -6.95
CA GLY B 121 26.38 -2.92 -5.93
C GLY B 121 27.34 -1.76 -6.10
N VAL B 122 26.97 -0.73 -6.83
CA VAL B 122 27.76 0.45 -7.05
C VAL B 122 26.93 1.73 -6.96
N ASP B 123 27.52 2.83 -6.47
CA ASP B 123 26.74 4.06 -6.41
C ASP B 123 26.66 4.76 -7.75
N ILE B 124 26.16 6.01 -7.76
CA ILE B 124 26.06 6.68 -9.05
C ILE B 124 27.45 7.01 -9.60
N HIS B 125 28.45 6.95 -8.74
CA HIS B 125 29.82 7.27 -9.14
C HIS B 125 30.55 5.99 -9.56
N GLU B 126 29.77 4.96 -9.77
CA GLU B 126 30.22 3.64 -10.11
C GLU B 126 31.20 3.06 -9.10
N LYS B 127 31.10 3.53 -7.86
CA LYS B 127 31.97 3.07 -6.81
C LYS B 127 31.31 1.97 -5.98
N ASP B 128 32.02 0.88 -5.83
CA ASP B 128 31.60 -0.28 -5.08
C ASP B 128 31.26 0.12 -3.63
N HIS B 129 30.38 -0.64 -3.05
CA HIS B 129 29.88 -0.63 -1.74
C HIS B 129 29.60 -2.01 -1.18
N PRO B 130 30.17 -2.34 -0.02
CA PRO B 130 29.96 -3.69 0.52
C PRO B 130 28.47 -4.01 0.68
N THR B 131 28.13 -5.29 0.50
CA THR B 131 26.78 -5.77 0.62
C THR B 131 26.54 -6.43 1.96
N ILE B 132 25.27 -6.63 2.33
CA ILE B 132 25.01 -7.28 3.62
C ILE B 132 25.48 -8.72 3.65
N LEU B 133 25.54 -9.37 2.48
CA LEU B 133 26.02 -10.78 2.51
C LEU B 133 27.54 -10.80 2.74
N GLU B 134 28.26 -9.94 2.06
CA GLU B 134 29.70 -9.85 2.18
C GLU B 134 30.10 -9.50 3.62
N MET B 135 29.27 -8.68 4.25
CA MET B 135 29.49 -8.24 5.62
C MET B 135 29.22 -9.35 6.62
N ALA B 136 28.02 -9.93 6.50
CA ALA B 136 27.69 -11.04 7.42
C ALA B 136 28.78 -12.11 7.28
N LYS B 137 29.13 -12.42 6.04
CA LYS B 137 30.18 -13.45 5.81
C LYS B 137 31.44 -13.04 6.57
N ALA B 138 31.88 -11.82 6.29
CA ALA B 138 33.05 -11.30 6.97
C ALA B 138 32.92 -11.48 8.47
N ALA B 139 31.71 -11.35 9.00
CA ALA B 139 31.51 -11.45 10.44
C ALA B 139 31.49 -12.88 10.93
N GLY B 140 31.56 -13.82 9.99
CA GLY B 140 31.56 -15.22 10.23
C GLY B 140 30.22 -15.88 10.30
N LEU B 141 29.19 -15.30 9.68
CA LEU B 141 27.87 -15.95 9.73
C LEU B 141 27.67 -16.78 8.45
N ALA B 142 26.67 -17.65 8.49
CA ALA B 142 26.35 -18.42 7.25
C ALA B 142 25.48 -17.50 6.38
N THR B 143 25.67 -17.59 5.08
CA THR B 143 24.95 -16.76 4.13
C THR B 143 24.24 -17.54 3.07
N GLY B 144 22.97 -17.18 2.82
CA GLY B 144 22.16 -17.86 1.83
C GLY B 144 21.51 -16.93 0.83
N ASN B 145 21.50 -17.36 -0.43
CA ASN B 145 20.96 -16.56 -1.53
C ASN B 145 20.09 -17.49 -2.38
N VAL B 146 18.78 -17.33 -2.28
CA VAL B 146 17.83 -18.19 -2.97
C VAL B 146 16.82 -17.43 -3.82
N SER B 147 16.60 -17.93 -5.02
CA SER B 147 15.68 -17.33 -5.97
C SER B 147 15.12 -18.28 -7.00
N THR B 148 14.06 -17.86 -7.71
CA THR B 148 13.47 -18.68 -8.75
C THR B 148 13.88 -18.18 -10.13
N ALA B 149 14.67 -17.11 -10.12
CA ALA B 149 15.14 -16.56 -11.42
C ALA B 149 16.56 -17.12 -11.67
N GLU B 150 17.14 -16.64 -12.77
CA GLU B 150 18.58 -16.95 -12.99
C GLU B 150 19.34 -16.20 -11.86
N LEU B 151 20.39 -16.80 -11.35
CA LEU B 151 21.17 -16.21 -10.28
C LEU B 151 21.91 -14.97 -10.72
N GLN B 152 22.00 -14.74 -12.03
CA GLN B 152 22.63 -13.53 -12.55
C GLN B 152 21.63 -12.39 -12.51
N ASP B 153 20.37 -12.78 -12.30
CA ASP B 153 19.32 -11.78 -12.22
C ASP B 153 19.57 -10.75 -11.15
N ALA B 154 19.11 -9.54 -11.38
CA ALA B 154 19.37 -8.42 -10.52
C ALA B 154 19.22 -8.71 -9.05
N THR B 155 18.09 -9.31 -8.69
CA THR B 155 17.75 -9.59 -7.32
C THR B 155 18.75 -10.32 -6.52
N PRO B 156 19.07 -11.59 -6.84
CA PRO B 156 20.14 -12.26 -6.08
C PRO B 156 21.52 -11.67 -6.39
N ALA B 157 21.72 -11.24 -7.64
CA ALA B 157 22.99 -10.72 -8.07
C ALA B 157 23.53 -9.62 -7.22
N ALA B 158 22.65 -8.72 -6.75
CA ALA B 158 23.06 -7.63 -5.91
C ALA B 158 23.74 -7.99 -4.63
N LEU B 159 23.56 -9.19 -4.07
CA LEU B 159 24.24 -9.49 -2.80
C LEU B 159 25.71 -9.83 -3.01
N VAL B 160 26.06 -10.28 -4.19
CA VAL B 160 27.36 -10.77 -4.52
C VAL B 160 28.10 -10.12 -5.63
N ALA B 161 27.51 -9.18 -6.37
CA ALA B 161 28.26 -8.59 -7.47
C ALA B 161 28.20 -7.09 -7.57
N HIS B 162 29.27 -6.54 -8.14
CA HIS B 162 29.43 -5.13 -8.35
C HIS B 162 29.78 -4.80 -9.80
N VAL B 163 28.77 -4.43 -10.56
CA VAL B 163 28.87 -4.10 -11.95
C VAL B 163 28.09 -2.86 -12.32
N THR B 164 28.51 -2.19 -13.39
CA THR B 164 27.80 -0.95 -13.74
C THR B 164 26.57 -1.27 -14.54
N SER B 165 26.31 -2.57 -14.74
CA SER B 165 25.11 -2.92 -15.55
C SER B 165 24.72 -4.37 -15.28
N ARG B 166 23.46 -4.57 -14.97
CA ARG B 166 22.88 -5.86 -14.66
C ARG B 166 22.92 -6.84 -15.84
N LYS B 167 23.14 -6.34 -17.05
CA LYS B 167 23.21 -7.18 -18.23
C LYS B 167 24.52 -7.97 -18.29
N CYS B 168 25.50 -7.55 -17.51
CA CYS B 168 26.82 -8.20 -17.54
C CYS B 168 26.80 -9.53 -16.84
N TYR B 169 26.05 -10.47 -17.46
CA TYR B 169 25.81 -11.77 -16.93
C TYR B 169 27.08 -12.61 -16.76
N GLY B 170 27.76 -12.82 -17.88
CA GLY B 170 28.99 -13.55 -18.00
C GLY B 170 30.06 -12.72 -18.70
N PRO B 171 31.24 -13.31 -18.84
CA PRO B 171 32.39 -12.69 -19.45
C PRO B 171 32.10 -12.10 -20.81
N SER B 172 31.41 -12.88 -21.65
CA SER B 172 31.10 -12.38 -23.00
C SER B 172 30.44 -11.01 -22.93
N ALA B 173 29.40 -10.90 -22.10
CA ALA B 173 28.61 -9.70 -21.96
C ALA B 173 29.33 -8.58 -21.23
N THR B 174 30.08 -8.94 -20.19
CA THR B 174 30.79 -7.96 -19.40
C THR B 174 31.78 -7.17 -20.28
N SER B 175 32.63 -7.92 -20.98
CA SER B 175 33.66 -7.39 -21.85
C SER B 175 33.10 -6.28 -22.76
N GLU B 176 31.85 -6.43 -23.13
CA GLU B 176 31.13 -5.54 -24.00
C GLU B 176 30.41 -4.44 -23.21
N LYS B 177 29.53 -4.87 -22.30
CA LYS B 177 28.72 -4.03 -21.48
C LYS B 177 29.44 -3.40 -20.31
N CYS B 178 30.25 -4.15 -19.60
CA CYS B 178 30.95 -3.64 -18.42
C CYS B 178 32.46 -3.85 -18.52
N PRO B 179 33.08 -3.18 -19.50
CA PRO B 179 34.51 -3.34 -19.75
C PRO B 179 35.38 -3.09 -18.54
N GLY B 180 35.00 -2.13 -17.70
CA GLY B 180 35.77 -1.83 -16.50
C GLY B 180 35.62 -2.91 -15.44
N ASN B 181 34.67 -3.82 -15.63
CA ASN B 181 34.47 -4.89 -14.65
C ASN B 181 35.05 -6.20 -15.23
N ALA B 182 35.12 -6.23 -16.55
CA ALA B 182 35.66 -7.37 -17.28
C ALA B 182 37.00 -7.80 -16.66
N LEU B 183 37.10 -9.09 -16.38
CA LEU B 183 38.30 -9.68 -15.80
C LEU B 183 39.54 -9.29 -16.58
N GLU B 184 39.43 -9.23 -17.92
CA GLU B 184 40.55 -8.85 -18.74
C GLU B 184 40.89 -7.39 -18.71
N LYS B 185 39.90 -6.51 -18.55
CA LYS B 185 40.21 -5.07 -18.50
C LYS B 185 40.66 -4.64 -17.12
N GLY B 186 41.04 -5.62 -16.30
CA GLY B 186 41.51 -5.37 -14.95
C GLY B 186 40.40 -5.33 -13.92
N GLY B 187 39.15 -5.44 -14.36
CA GLY B 187 37.99 -5.38 -13.52
C GLY B 187 37.91 -6.49 -12.48
N LYS B 188 36.78 -6.52 -11.78
CA LYS B 188 36.49 -7.51 -10.76
C LYS B 188 35.84 -8.76 -11.36
N GLY B 189 35.33 -8.64 -12.57
CA GLY B 189 34.71 -9.71 -13.30
C GLY B 189 33.22 -9.60 -13.50
N SER B 190 32.65 -10.52 -14.28
CA SER B 190 31.23 -10.56 -14.57
C SER B 190 30.44 -11.02 -13.35
N ILE B 191 29.12 -10.83 -13.41
CA ILE B 191 28.22 -11.19 -12.32
C ILE B 191 28.46 -12.61 -11.83
N THR B 192 28.51 -13.55 -12.78
CA THR B 192 28.71 -14.94 -12.41
C THR B 192 30.07 -15.14 -11.76
N GLU B 193 31.10 -14.55 -12.38
CA GLU B 193 32.46 -14.67 -11.80
C GLU B 193 32.47 -14.13 -10.38
N GLN B 194 31.83 -12.97 -10.19
CA GLN B 194 31.77 -12.40 -8.85
C GLN B 194 30.99 -13.24 -7.89
N LEU B 195 29.89 -13.83 -8.39
CA LEU B 195 29.10 -14.73 -7.53
C LEU B 195 30.03 -15.82 -6.96
N LEU B 196 30.80 -16.45 -7.85
CA LEU B 196 31.70 -17.53 -7.44
C LEU B 196 32.71 -17.07 -6.41
N ASN B 197 33.22 -15.86 -6.57
CA ASN B 197 34.18 -15.29 -5.65
C ASN B 197 33.56 -15.08 -4.27
N ALA B 198 32.36 -14.50 -4.27
CA ALA B 198 31.66 -14.21 -3.03
C ALA B 198 31.57 -15.40 -2.11
N ARG B 199 31.20 -16.58 -2.63
CA ARG B 199 31.15 -17.77 -1.85
C ARG B 199 30.12 -17.87 -0.77
N ALA B 200 28.85 -17.54 -1.05
CA ALA B 200 27.83 -17.74 0.05
C ALA B 200 27.81 -19.25 0.33
N ASP B 201 27.46 -19.65 1.55
CA ASP B 201 27.45 -21.10 1.81
C ASP B 201 26.37 -21.80 1.00
N VAL B 202 25.26 -21.09 0.75
CA VAL B 202 24.18 -21.71 0.00
C VAL B 202 23.64 -20.72 -1.05
N THR B 203 23.56 -21.20 -2.26
CA THR B 203 23.05 -20.48 -3.40
C THR B 203 22.21 -21.41 -4.27
N LEU B 204 20.93 -21.12 -4.38
CA LEU B 204 20.01 -21.99 -5.15
C LEU B 204 19.19 -21.14 -6.10
N GLY B 205 19.06 -21.58 -7.34
CA GLY B 205 18.30 -20.79 -8.30
C GLY B 205 18.45 -21.33 -9.71
N GLY B 206 18.20 -20.48 -10.70
CA GLY B 206 18.32 -20.90 -12.10
C GLY B 206 19.62 -20.38 -12.70
N GLY B 207 19.56 -20.05 -13.99
CA GLY B 207 20.65 -19.50 -14.74
C GLY B 207 21.86 -20.39 -14.80
N ALA B 208 21.68 -21.63 -15.27
CA ALA B 208 22.81 -22.54 -15.40
C ALA B 208 23.54 -22.21 -16.74
N LYS B 209 22.80 -21.61 -17.64
CA LYS B 209 23.25 -21.23 -18.95
C LYS B 209 24.53 -20.43 -19.01
N THR B 210 24.69 -19.45 -18.13
CA THR B 210 25.90 -18.62 -18.16
C THR B 210 27.09 -19.35 -17.55
N PHE B 211 26.84 -20.46 -16.85
CA PHE B 211 27.89 -21.23 -16.21
C PHE B 211 28.66 -22.06 -17.23
N ALA B 212 28.23 -21.94 -18.47
CA ALA B 212 28.82 -22.59 -19.62
C ALA B 212 29.84 -21.67 -20.29
N GLU B 213 29.67 -20.36 -20.07
CA GLU B 213 30.64 -19.42 -20.68
C GLU B 213 32.02 -19.77 -20.16
N THR B 214 33.05 -19.26 -20.82
CA THR B 214 34.43 -19.62 -20.41
C THR B 214 35.24 -18.43 -20.02
N ALA B 215 36.00 -18.53 -18.92
CA ALA B 215 36.82 -17.44 -18.45
C ALA B 215 37.84 -16.97 -19.48
N THR B 216 37.91 -15.66 -19.65
CA THR B 216 38.78 -15.00 -20.61
C THR B 216 40.18 -14.76 -20.02
N ALA B 217 40.23 -14.54 -18.73
CA ALA B 217 41.47 -14.24 -18.02
C ALA B 217 41.44 -14.91 -16.65
N GLY B 218 42.49 -14.69 -15.86
CA GLY B 218 42.55 -15.26 -14.53
C GLY B 218 42.92 -16.75 -14.53
N GLU B 219 43.15 -17.26 -13.35
CA GLU B 219 43.51 -18.58 -12.96
C GLU B 219 42.75 -19.65 -13.71
N TRP B 220 41.43 -19.45 -13.81
CA TRP B 220 40.62 -20.46 -14.48
C TRP B 220 40.35 -20.11 -15.92
N GLN B 221 41.23 -19.27 -16.47
CA GLN B 221 41.10 -18.88 -17.88
C GLN B 221 40.95 -20.17 -18.72
N GLY B 222 40.10 -20.11 -19.74
CA GLY B 222 39.85 -21.21 -20.62
C GLY B 222 38.97 -22.29 -20.08
N LYS B 223 38.56 -22.25 -18.81
CA LYS B 223 37.65 -23.31 -18.32
C LYS B 223 36.23 -22.76 -18.29
N THR B 224 35.26 -23.67 -18.09
CA THR B 224 33.89 -23.18 -17.96
C THR B 224 33.69 -22.65 -16.54
N LEU B 225 32.83 -21.65 -16.40
CA LEU B 225 32.57 -21.14 -15.04
C LEU B 225 32.11 -22.28 -14.16
N ARG B 226 31.28 -23.15 -14.74
CA ARG B 226 30.81 -24.34 -14.03
C ARG B 226 32.03 -25.17 -13.56
N GLU B 227 32.97 -25.34 -14.48
CA GLU B 227 34.20 -26.08 -14.23
C GLU B 227 34.98 -25.40 -13.10
N GLN B 228 35.16 -24.09 -13.28
CA GLN B 228 35.82 -23.30 -12.24
C GLN B 228 35.15 -23.54 -10.89
N ALA B 229 33.83 -23.74 -10.90
CA ALA B 229 33.08 -23.94 -9.68
C ALA B 229 33.54 -25.17 -8.91
N GLN B 230 33.38 -26.34 -9.50
CA GLN B 230 33.82 -27.58 -8.82
C GLN B 230 35.32 -27.45 -8.48
N ALA B 231 36.02 -26.82 -9.41
CA ALA B 231 37.45 -26.54 -9.24
C ALA B 231 37.66 -25.78 -7.92
N ARG B 232 36.71 -24.91 -7.59
CA ARG B 232 36.71 -24.12 -6.42
C ARG B 232 36.23 -24.70 -5.14
N GLY B 233 35.84 -25.97 -5.11
CA GLY B 233 35.42 -26.63 -3.88
C GLY B 233 33.91 -26.72 -3.72
N TYR B 234 33.19 -26.09 -4.61
CA TYR B 234 31.76 -25.97 -4.64
C TYR B 234 31.04 -27.28 -4.91
N GLN B 235 29.95 -27.52 -4.18
CA GLN B 235 29.12 -28.68 -4.52
C GLN B 235 27.93 -28.21 -5.39
N LEU B 236 27.79 -28.83 -6.53
CA LEU B 236 26.77 -28.57 -7.51
C LEU B 236 25.68 -29.64 -7.50
N VAL B 237 24.45 -29.20 -7.61
CA VAL B 237 23.25 -30.03 -7.66
C VAL B 237 22.26 -29.46 -8.65
N SER B 238 21.45 -30.33 -9.28
CA SER B 238 20.57 -29.83 -10.36
C SER B 238 19.15 -30.31 -10.25
N ASP B 239 18.82 -31.05 -9.20
CA ASP B 239 17.50 -31.56 -9.00
C ASP B 239 17.13 -31.64 -7.53
N ALA B 240 15.84 -31.84 -7.28
CA ALA B 240 15.33 -31.92 -5.93
C ALA B 240 16.07 -33.01 -5.14
N ALA B 241 16.14 -34.18 -5.74
CA ALA B 241 16.77 -35.34 -5.14
C ALA B 241 18.13 -34.99 -4.53
N SER B 242 19.03 -34.58 -5.40
CA SER B 242 20.37 -34.18 -5.05
C SER B 242 20.35 -33.06 -4.00
N LEU B 243 19.54 -32.04 -4.26
CA LEU B 243 19.44 -30.94 -3.31
C LEU B 243 19.12 -31.48 -1.92
N ASN B 244 18.34 -32.57 -1.90
CA ASN B 244 17.95 -33.16 -0.63
C ASN B 244 19.06 -33.96 -0.01
N SER B 245 19.98 -34.49 -0.84
CA SER B 245 21.08 -35.27 -0.29
C SER B 245 21.94 -34.47 0.66
N VAL B 246 22.27 -33.24 0.27
CA VAL B 246 23.10 -32.35 0.97
C VAL B 246 22.96 -32.32 2.47
N THR B 247 24.01 -32.78 3.16
CA THR B 247 23.98 -32.82 4.62
C THR B 247 24.64 -31.60 5.22
N GLU B 248 25.52 -30.97 4.44
CA GLU B 248 26.23 -29.81 4.98
C GLU B 248 26.60 -28.79 3.93
N ALA B 249 26.64 -27.51 4.33
CA ALA B 249 27.03 -26.45 3.40
C ALA B 249 27.87 -25.41 4.15
N ASN B 250 28.97 -25.00 3.54
CA ASN B 250 29.85 -24.02 4.21
C ASN B 250 30.95 -23.54 3.29
N GLN B 251 31.87 -22.74 3.83
CA GLN B 251 32.96 -22.21 3.03
C GLN B 251 33.86 -23.30 2.47
N GLN B 252 33.95 -24.41 3.19
CA GLN B 252 34.75 -25.56 2.74
C GLN B 252 34.10 -26.13 1.46
N LYS B 253 32.84 -26.52 1.62
CA LYS B 253 32.04 -27.04 0.53
C LYS B 253 30.75 -26.23 0.39
N PRO B 254 30.90 -25.00 -0.11
CA PRO B 254 29.71 -24.17 -0.34
C PRO B 254 28.81 -24.92 -1.34
N LEU B 255 27.53 -24.60 -1.32
CA LEU B 255 26.53 -25.18 -2.17
C LEU B 255 26.04 -24.24 -3.26
N LEU B 256 25.94 -24.78 -4.47
CA LEU B 256 25.47 -24.10 -5.64
C LEU B 256 24.54 -25.02 -6.47
N GLY B 257 23.27 -24.71 -6.46
CA GLY B 257 22.20 -25.42 -7.13
C GLY B 257 21.75 -24.73 -8.39
N LEU B 258 21.82 -25.45 -9.52
CA LEU B 258 21.40 -24.86 -10.78
C LEU B 258 20.28 -25.65 -11.44
N PHE B 259 19.08 -25.50 -10.89
CA PHE B 259 17.87 -26.12 -11.26
C PHE B 259 17.27 -25.72 -12.57
N ALA B 260 17.96 -24.89 -13.36
CA ALA B 260 17.40 -24.52 -14.66
C ALA B 260 18.34 -23.70 -15.50
N ASP B 261 18.11 -23.72 -16.81
CA ASP B 261 18.99 -22.98 -17.73
C ASP B 261 18.81 -21.47 -17.52
N GLY B 262 17.55 -21.10 -17.33
CA GLY B 262 17.16 -19.72 -17.10
C GLY B 262 16.35 -19.58 -15.85
N ASN B 263 15.14 -19.02 -15.96
CA ASN B 263 14.39 -18.92 -14.67
C ASN B 263 13.72 -20.25 -14.37
N MET B 264 13.56 -20.55 -13.08
CA MET B 264 12.83 -21.79 -12.76
C MET B 264 11.38 -21.64 -13.23
N PRO B 265 10.73 -22.75 -13.50
CA PRO B 265 9.38 -22.78 -14.01
C PRO B 265 8.32 -22.20 -13.10
N VAL B 266 7.30 -21.60 -13.73
CA VAL B 266 6.18 -21.05 -13.02
C VAL B 266 5.18 -22.08 -12.58
N ARG B 267 4.55 -21.88 -11.42
CA ARG B 267 3.65 -22.82 -10.83
C ARG B 267 2.31 -22.96 -11.48
N TRP B 268 1.72 -21.87 -11.96
CA TRP B 268 0.44 -21.86 -12.60
C TRP B 268 0.53 -21.22 -14.00
N LEU B 269 -0.33 -21.73 -14.88
CA LEU B 269 -0.42 -21.20 -16.24
C LEU B 269 -1.86 -20.66 -16.45
N GLY B 270 -1.99 -19.73 -17.34
CA GLY B 270 -3.25 -19.14 -17.75
C GLY B 270 -3.05 -18.39 -19.06
N PRO B 271 -4.11 -18.00 -19.71
CA PRO B 271 -3.95 -17.22 -20.97
C PRO B 271 -3.41 -15.84 -20.63
N LYS B 272 -2.96 -15.12 -21.66
CA LYS B 272 -2.49 -13.75 -21.46
C LYS B 272 -3.67 -12.79 -21.50
N ALA B 273 -3.60 -11.77 -20.66
CA ALA B 273 -4.66 -10.75 -20.66
C ALA B 273 -4.70 -10.12 -22.07
N THR B 274 -5.89 -9.77 -22.51
CA THR B 274 -6.08 -9.21 -23.85
C THR B 274 -7.00 -7.99 -23.78
N TYR B 275 -7.02 -7.23 -24.86
CA TYR B 275 -7.82 -6.01 -24.90
C TYR B 275 -9.30 -6.38 -24.79
N HIS B 276 -9.96 -5.85 -23.79
CA HIS B 276 -11.36 -6.11 -23.47
C HIS B 276 -11.61 -7.57 -23.12
N GLY B 277 -10.57 -8.26 -22.69
CA GLY B 277 -10.73 -9.67 -22.37
C GLY B 277 -11.74 -9.97 -21.32
N ASN B 278 -12.04 -8.99 -20.44
CA ASN B 278 -13.01 -9.39 -19.37
C ASN B 278 -14.41 -9.39 -19.94
N ILE B 279 -14.54 -8.80 -21.13
CA ILE B 279 -15.89 -8.71 -21.72
C ILE B 279 -16.04 -9.76 -22.83
N ASP B 280 -15.19 -9.62 -23.83
CA ASP B 280 -15.17 -10.47 -24.98
C ASP B 280 -14.81 -11.89 -24.68
N LYS B 281 -14.17 -12.14 -23.53
CA LYS B 281 -13.80 -13.50 -23.20
C LYS B 281 -14.31 -13.88 -21.81
N PRO B 282 -14.50 -15.16 -21.60
CA PRO B 282 -14.94 -15.81 -20.39
C PRO B 282 -13.96 -15.76 -19.24
N ALA B 283 -14.50 -16.03 -18.03
CA ALA B 283 -13.70 -16.03 -16.83
C ALA B 283 -12.71 -17.17 -16.83
N VAL B 284 -11.51 -16.87 -16.36
CA VAL B 284 -10.42 -17.84 -16.35
C VAL B 284 -10.28 -18.44 -14.94
N THR B 285 -9.90 -19.67 -14.96
CA THR B 285 -9.50 -20.50 -13.85
C THR B 285 -8.06 -20.99 -14.24
N CYS B 286 -7.13 -20.74 -13.37
CA CYS B 286 -5.74 -21.04 -13.55
C CYS B 286 -5.43 -22.54 -13.51
N THR B 287 -4.57 -22.96 -14.42
CA THR B 287 -4.12 -24.31 -14.64
C THR B 287 -2.71 -24.53 -14.08
N PRO B 288 -2.57 -25.42 -13.11
CA PRO B 288 -1.21 -25.69 -12.60
C PRO B 288 -0.35 -26.19 -13.78
N ASN B 289 0.92 -25.91 -13.72
CA ASN B 289 1.85 -26.26 -14.80
C ASN B 289 2.23 -27.72 -14.79
N PRO B 290 1.73 -28.48 -15.78
CA PRO B 290 2.06 -29.91 -15.83
C PRO B 290 3.54 -30.16 -16.04
N GLN B 291 4.26 -29.10 -16.41
CA GLN B 291 5.68 -29.23 -16.66
C GLN B 291 6.54 -28.61 -15.58
N ARG B 292 6.05 -28.62 -14.33
CA ARG B 292 6.78 -28.08 -13.22
C ARG B 292 7.81 -28.99 -12.61
N ASN B 293 7.53 -30.28 -12.45
CA ASN B 293 8.42 -31.29 -12.03
C ASN B 293 8.66 -31.64 -10.60
N ASP B 294 8.58 -32.94 -10.28
CA ASP B 294 8.81 -33.49 -8.95
C ASP B 294 10.31 -33.39 -8.58
N SER B 295 11.14 -33.29 -9.59
CA SER B 295 12.59 -33.22 -9.50
C SER B 295 13.07 -31.78 -9.40
N VAL B 296 12.10 -30.86 -9.47
CA VAL B 296 12.49 -29.43 -9.31
C VAL B 296 12.05 -28.96 -7.96
N PRO B 297 12.95 -28.34 -7.17
CA PRO B 297 12.46 -27.96 -5.83
C PRO B 297 11.56 -26.75 -5.92
N THR B 298 10.50 -26.72 -5.09
CA THR B 298 9.68 -25.50 -5.03
C THR B 298 10.45 -24.51 -4.15
N LEU B 299 9.99 -23.26 -4.14
CA LEU B 299 10.74 -22.27 -3.36
C LEU B 299 10.71 -22.59 -1.89
N ALA B 300 9.53 -23.04 -1.44
CA ALA B 300 9.40 -23.41 -0.03
C ALA B 300 10.39 -24.54 0.28
N GLN B 301 10.71 -25.30 -0.75
CA GLN B 301 11.66 -26.40 -0.64
C GLN B 301 13.08 -25.91 -0.58
N MET B 302 13.44 -24.97 -1.48
CA MET B 302 14.86 -24.51 -1.37
C MET B 302 15.03 -23.78 -0.04
N THR B 303 13.95 -23.14 0.38
CA THR B 303 13.90 -22.38 1.62
C THR B 303 14.18 -23.25 2.84
N ASP B 304 13.47 -24.37 2.94
CA ASP B 304 13.64 -25.27 4.07
C ASP B 304 15.04 -25.89 4.07
N LYS B 305 15.50 -26.28 2.88
CA LYS B 305 16.85 -26.85 2.83
C LYS B 305 17.86 -25.78 3.22
N ALA B 306 17.70 -24.59 2.65
CA ALA B 306 18.57 -23.46 2.97
C ALA B 306 18.66 -23.24 4.47
N ILE B 307 17.52 -23.14 5.15
CA ILE B 307 17.48 -22.95 6.58
C ILE B 307 18.14 -24.04 7.37
N GLU B 308 17.96 -25.30 6.98
CA GLU B 308 18.55 -26.39 7.75
C GLU B 308 20.06 -26.35 7.70
N LEU B 309 20.63 -26.14 6.52
CA LEU B 309 22.06 -26.06 6.35
C LEU B 309 22.68 -24.82 6.94
N LEU B 310 21.98 -23.68 6.93
CA LEU B 310 22.58 -22.45 7.43
C LEU B 310 22.47 -22.36 8.94
N SER B 311 21.49 -23.06 9.50
CA SER B 311 21.22 -23.07 10.92
C SER B 311 22.24 -23.85 11.72
N LYS B 312 23.14 -24.54 11.04
CA LYS B 312 24.16 -25.34 11.72
C LYS B 312 25.32 -24.47 12.20
N ASN B 313 25.34 -23.25 11.71
CA ASN B 313 26.33 -22.25 12.12
C ASN B 313 25.87 -21.60 13.43
N GLU B 314 26.71 -21.64 14.44
CA GLU B 314 26.36 -21.11 15.75
C GLU B 314 26.46 -19.62 15.85
N LYS B 315 27.16 -18.98 14.91
CA LYS B 315 27.26 -17.51 15.01
C LYS B 315 25.98 -16.89 14.45
N GLY B 316 25.34 -17.61 13.53
CA GLY B 316 24.12 -17.16 12.90
C GLY B 316 24.16 -17.16 11.39
N PHE B 317 23.05 -16.67 10.80
CA PHE B 317 22.94 -16.63 9.37
C PHE B 317 22.16 -15.51 8.77
N PHE B 318 22.49 -15.23 7.49
CA PHE B 318 21.69 -14.27 6.74
C PHE B 318 21.16 -14.98 5.49
N LEU B 319 19.86 -14.87 5.27
CA LEU B 319 19.21 -15.47 4.14
C LEU B 319 18.28 -14.54 3.37
N GLN B 320 18.46 -14.51 2.06
CA GLN B 320 17.67 -13.82 1.11
C GLN B 320 16.92 -14.77 0.17
N VAL B 321 15.59 -14.70 0.24
CA VAL B 321 14.73 -15.53 -0.58
C VAL B 321 13.91 -14.73 -1.55
N GLU B 322 14.09 -15.02 -2.87
CA GLU B 322 13.33 -14.25 -3.82
C GLU B 322 12.30 -15.06 -4.60
N GLY B 323 11.10 -14.54 -4.64
CA GLY B 323 9.98 -14.99 -5.46
C GLY B 323 9.98 -14.07 -6.71
N ALA B 324 10.80 -14.46 -7.65
CA ALA B 324 11.19 -13.77 -8.82
C ALA B 324 10.11 -13.48 -9.84
N SER B 325 9.39 -14.52 -10.20
CA SER B 325 8.39 -14.63 -11.16
C SER B 325 7.15 -13.82 -11.05
N ILE B 326 6.88 -13.29 -9.86
CA ILE B 326 5.68 -12.41 -9.72
C ILE B 326 5.84 -11.24 -10.68
N ASP B 327 6.95 -10.54 -10.56
CA ASP B 327 7.32 -9.39 -11.35
C ASP B 327 7.32 -9.70 -12.84
N LYS B 328 7.88 -10.85 -13.20
CA LYS B 328 7.96 -11.26 -14.58
C LYS B 328 6.65 -11.62 -15.23
N GLN B 329 5.69 -12.16 -14.46
CA GLN B 329 4.39 -12.52 -15.03
C GLN B 329 3.50 -11.28 -15.16
N ASP B 330 3.75 -10.31 -14.29
CA ASP B 330 3.09 -9.02 -14.26
C ASP B 330 3.46 -8.26 -15.57
N HIS B 331 4.74 -8.31 -15.90
CA HIS B 331 5.26 -7.71 -17.13
C HIS B 331 4.56 -8.37 -18.34
N ALA B 332 4.35 -9.67 -18.25
CA ALA B 332 3.72 -10.41 -19.34
C ALA B 332 2.20 -10.32 -19.33
N ALA B 333 1.60 -9.66 -18.35
CA ALA B 333 0.14 -9.52 -18.34
C ALA B 333 -0.52 -10.90 -18.21
N ASN B 334 0.09 -11.73 -17.37
CA ASN B 334 -0.43 -13.07 -17.16
C ASN B 334 -0.84 -13.24 -15.70
N PRO B 335 -2.11 -12.99 -15.43
CA PRO B 335 -2.64 -13.03 -14.08
C PRO B 335 -2.37 -14.35 -13.38
N CYS B 336 -2.74 -15.43 -14.07
CA CYS B 336 -2.53 -16.75 -13.52
C CYS B 336 -1.09 -16.99 -13.16
N GLY B 337 -0.16 -16.56 -14.02
CA GLY B 337 1.26 -16.77 -13.66
C GLY B 337 1.64 -15.85 -12.51
N GLN B 338 1.15 -14.60 -12.57
CA GLN B 338 1.50 -13.66 -11.51
C GLN B 338 1.00 -14.12 -10.16
N ILE B 339 -0.24 -14.60 -10.11
CA ILE B 339 -0.87 -15.03 -8.89
C ILE B 339 -0.24 -16.25 -8.27
N GLY B 340 0.03 -17.29 -9.06
CA GLY B 340 0.62 -18.51 -8.54
C GLY B 340 1.98 -18.30 -7.92
N GLU B 341 2.74 -17.36 -8.45
CA GLU B 341 4.07 -17.10 -7.92
C GLU B 341 3.99 -16.37 -6.57
N THR B 342 2.84 -15.75 -6.33
CA THR B 342 2.60 -15.04 -5.05
C THR B 342 2.28 -16.14 -4.02
N VAL B 343 1.37 -17.01 -4.44
CA VAL B 343 1.02 -18.19 -3.61
C VAL B 343 2.24 -19.03 -3.34
N ASP B 344 3.12 -19.14 -4.35
CA ASP B 344 4.37 -19.91 -4.12
C ASP B 344 5.19 -19.28 -3.00
N LEU B 345 5.30 -17.96 -3.04
CA LEU B 345 6.06 -17.24 -2.04
C LEU B 345 5.49 -17.41 -0.64
N ASP B 346 4.18 -17.30 -0.52
CA ASP B 346 3.54 -17.48 0.79
C ASP B 346 3.96 -18.76 1.46
N GLU B 347 4.07 -19.85 0.70
CA GLU B 347 4.50 -21.12 1.30
C GLU B 347 5.89 -20.96 1.94
N ALA B 348 6.78 -20.33 1.20
CA ALA B 348 8.14 -20.10 1.76
C ALA B 348 8.05 -19.20 2.97
N VAL B 349 7.20 -18.17 2.91
CA VAL B 349 7.09 -17.29 4.09
C VAL B 349 6.69 -18.12 5.30
N GLN B 350 5.79 -19.08 5.07
CA GLN B 350 5.32 -19.94 6.17
C GLN B 350 6.50 -20.68 6.78
N ARG B 351 7.30 -21.31 5.92
CA ARG B 351 8.47 -22.04 6.41
C ARG B 351 9.35 -21.12 7.22
N ALA B 352 9.62 -19.92 6.65
CA ALA B 352 10.47 -19.01 7.41
C ALA B 352 9.85 -18.64 8.73
N LEU B 353 8.52 -18.43 8.73
CA LEU B 353 7.89 -18.04 9.97
C LEU B 353 7.93 -19.11 11.03
N GLU B 354 7.72 -20.34 10.63
CA GLU B 354 7.70 -21.52 11.49
C GLU B 354 9.04 -21.65 12.25
N PHE B 355 10.13 -21.54 11.48
CA PHE B 355 11.44 -21.61 12.06
C PHE B 355 11.68 -20.47 13.06
N ALA B 356 11.38 -19.25 12.64
CA ALA B 356 11.58 -18.08 13.48
C ALA B 356 10.78 -18.19 14.77
N LYS B 357 9.56 -18.66 14.65
CA LYS B 357 8.62 -18.84 15.74
C LYS B 357 9.22 -19.67 16.85
N LYS B 358 9.83 -20.79 16.47
CA LYS B 358 10.47 -21.69 17.42
C LYS B 358 11.86 -21.23 17.81
N GLU B 359 12.65 -20.77 16.84
CA GLU B 359 14.00 -20.30 17.13
C GLU B 359 13.99 -19.17 18.15
N GLY B 360 13.29 -18.08 17.85
CA GLY B 360 13.15 -16.97 18.75
C GLY B 360 14.11 -15.85 18.62
N ASN B 361 15.15 -15.97 17.80
CA ASN B 361 16.10 -14.82 17.68
C ASN B 361 16.21 -14.47 16.19
N THR B 362 15.09 -14.74 15.51
CA THR B 362 15.07 -14.55 14.09
C THR B 362 14.17 -13.41 13.64
N LEU B 363 14.75 -12.55 12.80
CA LEU B 363 14.04 -11.45 12.21
C LEU B 363 13.60 -11.84 10.79
N VAL B 364 12.30 -11.82 10.58
CA VAL B 364 11.77 -12.14 9.24
C VAL B 364 11.13 -10.91 8.65
N ILE B 365 11.53 -10.61 7.42
CA ILE B 365 11.04 -9.43 6.71
C ILE B 365 10.51 -9.86 5.33
N VAL B 366 9.32 -9.44 5.03
CA VAL B 366 8.60 -9.69 3.80
C VAL B 366 8.25 -8.41 3.08
N THR B 367 8.79 -8.27 1.85
CA THR B 367 8.52 -7.07 1.07
C THR B 367 8.81 -7.26 -0.41
N ALA B 368 8.64 -6.20 -1.18
CA ALA B 368 8.90 -6.17 -2.61
C ALA B 368 9.98 -5.11 -2.92
N ASP B 369 10.49 -5.15 -4.13
CA ASP B 369 11.53 -4.25 -4.61
C ASP B 369 10.92 -2.95 -5.12
N HIS B 370 9.79 -3.09 -5.78
CA HIS B 370 9.02 -1.96 -6.32
C HIS B 370 7.59 -2.51 -6.63
N ALA B 371 6.69 -1.65 -7.00
CA ALA B 371 5.34 -1.91 -7.39
C ALA B 371 5.24 -2.24 -8.89
N HIS B 372 4.11 -2.83 -9.27
CA HIS B 372 3.93 -3.26 -10.64
C HIS B 372 2.64 -2.71 -11.25
N ALA B 373 2.30 -3.17 -12.43
CA ALA B 373 1.21 -2.71 -13.24
C ALA B 373 -0.18 -3.15 -12.88
N SER B 374 -0.34 -4.36 -12.35
CA SER B 374 -1.62 -4.94 -12.12
C SER B 374 -2.57 -4.13 -11.27
N GLN B 375 -3.83 -4.07 -11.70
CA GLN B 375 -4.87 -3.43 -10.96
C GLN B 375 -6.13 -4.33 -10.94
N ILE B 376 -6.91 -4.21 -9.92
CA ILE B 376 -8.20 -4.86 -9.75
C ILE B 376 -9.31 -3.82 -10.05
N VAL B 377 -10.09 -4.11 -11.07
CA VAL B 377 -11.12 -3.20 -11.52
C VAL B 377 -12.50 -3.88 -11.52
N ALA B 378 -13.54 -3.08 -11.69
CA ALA B 378 -14.89 -3.57 -11.80
C ALA B 378 -15.02 -4.52 -12.99
N PRO B 379 -15.90 -5.51 -12.87
CA PRO B 379 -16.05 -6.51 -13.91
C PRO B 379 -16.51 -6.02 -15.25
N ASP B 380 -17.31 -4.98 -15.32
CA ASP B 380 -17.83 -4.50 -16.62
C ASP B 380 -16.95 -3.35 -17.14
N THR B 381 -15.74 -3.29 -16.63
CA THR B 381 -14.77 -2.25 -16.98
C THR B 381 -14.35 -2.40 -18.47
N LYS B 382 -14.33 -1.30 -19.17
CA LYS B 382 -13.88 -1.20 -20.57
C LYS B 382 -12.56 -0.41 -20.58
N ALA B 383 -11.47 -1.15 -20.50
CA ALA B 383 -10.13 -0.58 -20.39
C ALA B 383 -9.41 -0.48 -21.72
N PRO B 384 -8.57 0.53 -21.85
CA PRO B 384 -7.77 0.81 -23.02
C PRO B 384 -6.68 -0.24 -23.28
N GLY B 385 -6.26 -0.91 -22.23
CA GLY B 385 -5.22 -1.89 -22.22
C GLY B 385 -5.66 -3.34 -22.23
N LEU B 386 -4.92 -4.17 -21.51
CA LEU B 386 -5.12 -5.59 -21.39
C LEU B 386 -5.85 -6.00 -20.10
N THR B 387 -6.94 -6.73 -20.26
CA THR B 387 -7.81 -7.21 -19.22
C THR B 387 -8.08 -8.70 -19.27
N GLN B 388 -8.55 -9.23 -18.15
CA GLN B 388 -8.90 -10.65 -18.03
C GLN B 388 -9.80 -10.82 -16.79
N ALA B 389 -10.81 -11.66 -16.88
CA ALA B 389 -11.70 -11.91 -15.72
C ALA B 389 -11.36 -13.27 -15.14
N LEU B 390 -11.32 -13.38 -13.81
CA LEU B 390 -10.95 -14.60 -13.16
C LEU B 390 -11.99 -15.11 -12.16
N ASN B 391 -12.20 -16.43 -12.18
CA ASN B 391 -13.10 -17.07 -11.24
C ASN B 391 -12.34 -17.37 -9.93
N THR B 392 -12.59 -16.57 -8.92
CA THR B 392 -11.91 -16.69 -7.63
C THR B 392 -12.46 -17.81 -6.78
N LYS B 393 -11.90 -17.98 -5.58
CA LYS B 393 -12.35 -19.02 -4.68
C LYS B 393 -13.71 -18.72 -4.05
N ASP B 394 -14.16 -17.48 -4.16
CA ASP B 394 -15.41 -17.05 -3.55
C ASP B 394 -16.59 -17.39 -4.48
N GLY B 395 -16.23 -17.89 -5.65
CA GLY B 395 -17.20 -18.24 -6.68
C GLY B 395 -17.63 -17.00 -7.44
N ALA B 396 -16.81 -15.96 -7.35
CA ALA B 396 -17.16 -14.72 -8.05
C ALA B 396 -16.14 -14.32 -9.07
N VAL B 397 -16.43 -13.21 -9.81
CA VAL B 397 -15.45 -12.82 -10.82
C VAL B 397 -14.60 -11.65 -10.41
N MET B 398 -13.28 -11.79 -10.62
CA MET B 398 -12.37 -10.66 -10.35
C MET B 398 -11.72 -10.26 -11.67
N VAL B 399 -11.60 -8.97 -11.92
CA VAL B 399 -11.02 -8.52 -13.18
C VAL B 399 -9.72 -7.77 -12.89
N MET B 400 -8.69 -8.15 -13.61
CA MET B 400 -7.37 -7.57 -13.54
C MET B 400 -7.02 -6.85 -14.84
N SER B 401 -6.37 -5.73 -14.71
CA SER B 401 -6.01 -4.81 -15.76
C SER B 401 -4.53 -4.39 -15.71
N TYR B 402 -3.99 -4.17 -16.87
CA TYR B 402 -2.60 -3.76 -17.08
C TYR B 402 -2.67 -2.70 -18.23
N GLY B 403 -2.67 -1.46 -17.83
CA GLY B 403 -2.80 -0.34 -18.71
C GLY B 403 -1.73 0.68 -18.64
N ASN B 404 -0.45 0.26 -18.54
CA ASN B 404 0.56 1.31 -18.46
C ASN B 404 1.64 1.17 -19.49
N SER B 405 1.43 0.29 -20.47
CA SER B 405 2.39 0.17 -21.55
C SER B 405 1.74 -0.30 -22.85
N GLU B 406 1.94 0.46 -23.92
CA GLU B 406 1.41 0.00 -25.23
C GLU B 406 2.42 -1.05 -25.76
N GLU B 407 3.63 -0.93 -25.18
CA GLU B 407 4.67 -1.87 -25.57
C GLU B 407 4.28 -3.28 -25.21
N ASP B 408 5.21 -4.20 -25.40
CA ASP B 408 4.94 -5.62 -25.14
C ASP B 408 5.22 -5.97 -23.69
N SER B 409 5.54 -4.94 -22.89
CA SER B 409 5.87 -5.22 -21.49
C SER B 409 5.22 -4.21 -20.56
N GLN B 410 4.44 -4.73 -19.59
CA GLN B 410 3.82 -3.80 -18.63
C GLN B 410 4.89 -3.25 -17.70
N GLU B 411 4.82 -1.96 -17.42
CA GLU B 411 5.82 -1.26 -16.65
C GLU B 411 5.69 -1.42 -15.14
N HIS B 412 6.82 -1.22 -14.46
CA HIS B 412 6.82 -1.14 -13.00
C HIS B 412 6.10 0.22 -12.66
N THR B 413 5.80 0.37 -11.39
CA THR B 413 5.23 1.60 -10.88
C THR B 413 5.94 2.08 -9.64
N GLY B 414 5.83 3.38 -9.33
CA GLY B 414 6.53 3.96 -8.22
C GLY B 414 5.77 4.10 -6.94
N SER B 415 4.58 3.50 -6.81
CA SER B 415 3.88 3.63 -5.55
C SER B 415 4.64 3.03 -4.39
N GLN B 416 4.57 3.71 -3.22
CA GLN B 416 5.21 3.11 -2.02
C GLN B 416 4.50 1.81 -1.72
N LEU B 417 5.11 0.91 -0.93
CA LEU B 417 4.43 -0.36 -0.72
C LEU B 417 4.73 -1.03 0.60
N ARG B 418 3.97 -2.08 0.90
CA ARG B 418 4.08 -2.84 2.10
C ARG B 418 5.44 -3.46 2.36
N ILE B 419 5.84 -3.40 3.60
CA ILE B 419 6.91 -4.02 4.28
C ILE B 419 6.39 -4.59 5.62
N ALA B 420 6.66 -5.84 5.87
CA ALA B 420 6.16 -6.51 7.07
C ALA B 420 7.30 -7.28 7.72
N ALA B 421 7.29 -7.35 9.05
CA ALA B 421 8.34 -8.03 9.76
C ALA B 421 7.88 -8.64 11.08
N TYR B 422 8.65 -9.65 11.49
CA TYR B 422 8.31 -10.35 12.75
C TYR B 422 9.66 -10.65 13.43
N GLY B 423 9.71 -10.43 14.72
CA GLY B 423 10.90 -10.73 15.49
C GLY B 423 11.62 -9.48 15.97
N PRO B 424 12.82 -9.68 16.48
CA PRO B 424 13.62 -8.61 17.06
C PRO B 424 13.94 -7.52 16.04
N HIS B 425 13.72 -6.27 16.42
CA HIS B 425 13.97 -5.12 15.59
C HIS B 425 12.97 -4.88 14.49
N ALA B 426 11.92 -5.69 14.43
CA ALA B 426 10.87 -5.54 13.44
C ALA B 426 10.16 -4.21 13.54
N ALA B 427 10.25 -3.53 14.70
CA ALA B 427 9.61 -2.21 14.81
C ALA B 427 10.22 -1.23 13.81
N ASN B 428 11.36 -1.57 13.23
CA ASN B 428 12.06 -0.72 12.30
C ASN B 428 11.47 -0.61 10.93
N VAL B 429 10.37 -1.30 10.66
CA VAL B 429 9.68 -1.28 9.39
C VAL B 429 8.31 -0.61 9.49
N VAL B 430 7.93 -0.24 10.71
CA VAL B 430 6.65 0.37 10.98
C VAL B 430 6.63 1.83 10.58
N GLY B 431 5.49 2.26 10.03
CA GLY B 431 5.38 3.61 9.51
C GLY B 431 6.06 3.81 8.20
N LEU B 432 6.49 5.05 7.93
CA LEU B 432 7.14 5.29 6.63
C LEU B 432 8.66 5.17 6.74
N THR B 433 9.24 4.35 5.87
CA THR B 433 10.69 4.20 5.81
C THR B 433 11.21 4.25 4.41
N ASP B 434 12.55 4.12 4.27
CA ASP B 434 12.98 4.07 2.85
C ASP B 434 13.61 2.70 2.62
N GLN B 435 13.69 2.28 1.38
CA GLN B 435 14.35 1.02 1.03
C GLN B 435 15.76 0.95 1.60
N THR B 436 16.49 2.08 1.63
CA THR B 436 17.85 2.08 2.15
C THR B 436 17.89 1.79 3.65
N ASP B 437 16.84 2.24 4.35
CA ASP B 437 16.76 2.00 5.80
C ASP B 437 16.88 0.49 6.10
N LEU B 438 16.36 -0.35 5.22
CA LEU B 438 16.36 -1.80 5.47
C LEU B 438 17.78 -2.33 5.68
N PHE B 439 18.71 -1.78 4.91
CA PHE B 439 20.11 -2.17 5.07
C PHE B 439 20.54 -1.90 6.53
N TYR B 440 20.40 -0.64 6.94
CA TYR B 440 20.82 -0.26 8.29
C TYR B 440 20.06 -0.99 9.34
N THR B 441 18.79 -1.33 9.01
CA THR B 441 18.00 -2.07 10.00
C THR B 441 18.59 -3.48 10.18
N MET B 442 18.91 -4.10 9.03
CA MET B 442 19.42 -5.46 9.09
C MET B 442 20.81 -5.55 9.70
N LYS B 443 21.72 -4.71 9.20
CA LYS B 443 23.09 -4.71 9.72
C LYS B 443 23.11 -4.38 11.18
N ALA B 444 22.16 -3.55 11.62
CA ALA B 444 22.07 -3.23 13.04
C ALA B 444 21.52 -4.36 13.87
N ALA B 445 20.56 -5.13 13.33
CA ALA B 445 20.00 -6.18 14.21
C ALA B 445 21.04 -7.24 14.48
N LEU B 446 21.81 -7.56 13.43
CA LEU B 446 22.82 -8.61 13.57
C LEU B 446 24.03 -8.09 14.33
N GLY B 447 24.22 -6.77 14.32
CA GLY B 447 25.39 -6.19 15.02
C GLY B 447 26.61 -6.29 14.11
N LEU B 448 26.38 -6.09 12.82
CA LEU B 448 27.45 -6.18 11.84
C LEU B 448 28.28 -4.89 11.84
N LYS B 449 29.60 -5.05 11.73
CA LYS B 449 30.48 -3.88 11.69
C LYS B 449 31.27 -3.82 10.39
ZN ZN C . -14.71 7.63 -6.85
ZN ZN D . -14.51 6.99 -2.90
P PO4 E . -16.94 7.81 -4.84
O1 PO4 E . -17.74 9.04 -4.52
O2 PO4 E . -16.39 7.92 -6.23
O3 PO4 E . -15.81 7.66 -3.85
O4 PO4 E . -17.82 6.59 -4.76
S SO4 F . -0.17 26.05 -1.96
O1 SO4 F . 0.34 25.13 -0.99
O2 SO4 F . -1.23 25.42 -2.70
O3 SO4 F . 0.86 26.43 -2.85
O4 SO4 F . -0.71 27.19 -1.31
MG MG G . -16.05 11.07 -0.97
ZN ZN H . -16.05 11.07 -0.97
P PAE I . -16.78 7.79 -4.75
O1P PAE I . -17.73 8.88 -4.26
O2P PAE I . -16.12 8.34 -6.01
O3P PAE I . -15.80 7.46 -3.72
C1P PAE I . -17.78 6.34 -5.25
C1 PAE I . -18.13 6.65 -6.73
O1 PAE I . -17.94 7.85 -7.02
O2 PAE I . -18.25 5.72 -7.52
ZN ZN J . 10.27 -6.00 -13.48
ZN ZN K . 11.72 -6.09 -9.65
P PO4 L . 13.12 -6.08 -12.61
O1 PO4 L . 13.95 -7.30 -12.90
O2 PO4 L . 11.92 -6.08 -13.52
O3 PO4 L . 12.63 -6.12 -11.17
O4 PO4 L . 13.94 -4.84 -12.83
S SO4 M . -1.14 -25.96 -6.72
O1 SO4 M . -1.38 -24.79 -5.94
O2 SO4 M . -0.15 -25.70 -7.70
O3 SO4 M . -2.35 -26.36 -7.35
O4 SO4 M . -0.70 -27.01 -5.86
MG MG N . 13.98 -10.21 -9.19
ZN ZN O . 13.98 -10.21 -9.19
P PAE P . 13.09 -5.88 -12.95
O1P PAE P . 14.06 -7.06 -13.13
O2P PAE P . 11.92 -6.19 -13.91
O3P PAE P . 12.66 -5.84 -11.57
C1P PAE P . 13.93 -4.36 -13.51
C1 PAE P . 13.91 -4.31 -15.01
O1 PAE P . 12.85 -4.72 -15.59
O2 PAE P . 15.03 -4.35 -15.63
#